data_5IMP
#
_entry.id   5IMP
#
_cell.length_a   123.848
_cell.length_b   123.848
_cell.length_c   202.283
_cell.angle_alpha   90.00
_cell.angle_beta   90.00
_cell.angle_gamma   120.00
#
_symmetry.space_group_name_H-M   'P 31 2 1'
#
loop_
_entity.id
_entity.type
_entity.pdbx_description
1 polymer 'Aristolochene synthase'
2 non-polymer 'PYROPHOSPHATE 2-'
3 non-polymer 'MAGNESIUM ION'
4 non-polymer (1S,5S,8S,9aR)-1,9a-dimethyl-8-(prop-1-en-2-yl)octahydro-2H-quinolizinium
5 non-polymer GLYCEROL
6 water water
#
_entity_poly.entity_id   1
_entity_poly.type   'polypeptide(L)'
_entity_poly.pdbx_seq_one_letter_code
;MHHHHHHLEPPPSTFQPLCHPLVEEVSKEVDGYFLQHWNFPNEKARKKFVAAGFSRVTCLYFPKALDDRIHFACRLLTVL
FLIDDLLEYMSFEEGSAYNEKLIPISRGDVLPDRSIPVEYIIYDLWESMRAHDREMADEILEPVFLFMRAQTDRTRARPM
GLGGYLEYRERDVGKELLAALMRFSMGLKLSPSELQRVREIDANCSKHLSVVNDIYSYEKELYTSKTAHSEGGILCTSVQ
ILAQEADVTAEAAKRVLFVMCREWELRHQLLVARLSAEGLETPGLAAYVEGLEYQMSGAELWSQTTLRYSVVVD
;
_entity_poly.pdbx_strand_id   A,B,C,D
#
loop_
_chem_comp.id
_chem_comp.type
_chem_comp.name
_chem_comp.formula
GOL non-polymer GLYCEROL 'C3 H8 O3'
JF1 non-polymer (1S,5S,8S,9aR)-1,9a-dimethyl-8-(prop-1-en-2-yl)octahydro-2H-quinolizinium 'C14 H26 N 1'
MG non-polymer 'MAGNESIUM ION' 'Mg 2'
POP non-polymer 'PYROPHOSPHATE 2-' 'H2 O7 P2 -2'
#
# COMPACT_ATOMS: atom_id res chain seq x y z
N LEU A 8 5.79 20.58 -0.29
CA LEU A 8 7.10 20.60 -0.92
C LEU A 8 7.47 19.20 -1.42
N GLU A 9 7.46 19.03 -2.74
CA GLU A 9 7.70 17.73 -3.35
C GLU A 9 9.02 17.68 -4.10
N PRO A 10 10.04 17.03 -3.50
CA PRO A 10 11.34 16.91 -4.17
C PRO A 10 11.31 15.91 -5.32
N PRO A 11 11.86 16.29 -6.48
CA PRO A 11 11.97 15.37 -7.62
C PRO A 11 12.89 14.20 -7.28
N PRO A 12 12.73 13.07 -7.98
CA PRO A 12 13.50 11.86 -7.68
C PRO A 12 15.02 12.05 -7.77
N SER A 13 15.75 11.34 -6.92
CA SER A 13 17.21 11.37 -6.93
C SER A 13 17.75 9.95 -6.88
N THR A 14 18.93 9.74 -7.48
CA THR A 14 19.55 8.42 -7.46
C THR A 14 20.61 8.32 -6.36
N PHE A 15 20.88 9.44 -5.68
CA PHE A 15 21.79 9.43 -4.54
C PHE A 15 21.11 8.84 -3.31
N GLN A 16 21.71 7.81 -2.73
CA GLN A 16 21.19 7.20 -1.50
C GLN A 16 22.01 7.64 -0.29
N PRO A 17 21.35 8.27 0.69
CA PRO A 17 22.03 8.76 1.90
C PRO A 17 22.54 7.64 2.81
N LEU A 18 23.64 7.90 3.51
CA LEU A 18 24.17 6.98 4.50
C LEU A 18 24.48 7.73 5.78
N CYS A 19 24.28 7.07 6.91
CA CYS A 19 24.55 7.69 8.20
C CYS A 19 25.60 6.90 8.97
N HIS A 20 26.51 7.63 9.62
CA HIS A 20 27.53 6.99 10.46
C HIS A 20 26.87 6.13 11.53
N PRO A 21 27.38 4.90 11.71
CA PRO A 21 26.85 3.93 12.67
C PRO A 21 26.78 4.45 14.11
N LEU A 22 27.77 5.23 14.52
CA LEU A 22 27.86 5.68 15.91
C LEU A 22 27.14 7.01 16.15
N VAL A 23 26.20 7.35 15.27
CA VAL A 23 25.55 8.66 15.30
C VAL A 23 24.90 8.95 16.66
N GLU A 24 24.28 7.93 17.25
CA GLU A 24 23.57 8.12 18.52
C GLU A 24 24.48 8.46 19.69
N GLU A 25 25.54 7.67 19.87
CA GLU A 25 26.42 7.88 21.02
C GLU A 25 27.28 9.14 20.85
N VAL A 26 27.64 9.45 19.61
CA VAL A 26 28.41 10.66 19.34
C VAL A 26 27.52 11.89 19.54
N SER A 27 26.25 11.79 19.15
CA SER A 27 25.29 12.87 19.35
C SER A 27 25.16 13.24 20.83
N LYS A 28 24.95 12.23 21.67
CA LYS A 28 24.87 12.44 23.12
C LYS A 28 26.14 13.07 23.65
N GLU A 29 27.28 12.60 23.16
CA GLU A 29 28.57 13.10 23.60
C GLU A 29 28.76 14.58 23.25
N VAL A 30 28.51 14.93 21.99
CA VAL A 30 28.78 16.28 21.53
C VAL A 30 27.71 17.27 22.00
N ASP A 31 26.43 16.89 21.89
CA ASP A 31 25.35 17.71 22.44
C ASP A 31 25.56 17.96 23.93
N GLY A 32 25.99 16.92 24.64
CA GLY A 32 26.21 17.01 26.07
C GLY A 32 27.30 18.01 26.41
N TYR A 33 28.36 17.99 25.62
CA TYR A 33 29.48 18.91 25.80
C TYR A 33 29.03 20.37 25.61
N PHE A 34 28.26 20.63 24.57
CA PHE A 34 27.83 21.99 24.30
C PHE A 34 26.76 22.45 25.28
N LEU A 35 25.90 21.52 25.71
CA LEU A 35 24.90 21.84 26.73
C LEU A 35 25.58 22.18 28.06
N GLN A 36 26.79 21.68 28.25
CA GLN A 36 27.56 21.94 29.47
C GLN A 36 28.34 23.25 29.41
N HIS A 37 28.88 23.58 28.23
CA HIS A 37 29.82 24.68 28.10
C HIS A 37 29.29 25.92 27.39
N TRP A 38 28.45 25.72 26.37
CA TRP A 38 27.96 26.83 25.55
C TRP A 38 26.96 27.69 26.30
N ASN A 39 27.01 29.00 26.09
CA ASN A 39 26.09 29.92 26.77
C ASN A 39 24.74 30.00 26.06
N PHE A 40 23.88 29.01 26.31
CA PHE A 40 22.50 29.08 25.86
C PHE A 40 21.72 30.04 26.75
N PRO A 41 20.85 30.86 26.14
CA PRO A 41 20.11 31.87 26.92
C PRO A 41 19.07 31.28 27.87
N ASN A 42 18.45 30.18 27.48
CA ASN A 42 17.38 29.59 28.27
C ASN A 42 17.10 28.14 27.88
N GLU A 43 16.14 27.54 28.55
CA GLU A 43 15.80 26.13 28.34
C GLU A 43 15.20 25.90 26.95
N LYS A 44 14.38 26.85 26.49
CA LYS A 44 13.79 26.76 25.15
C LYS A 44 14.87 26.67 24.08
N ALA A 45 15.96 27.41 24.26
CA ALA A 45 17.06 27.40 23.32
C ALA A 45 17.84 26.07 23.36
N ARG A 46 17.98 25.53 24.56
N ARG A 46 17.99 25.53 24.57
CA ARG A 46 18.67 24.25 24.74
CA ARG A 46 18.68 24.24 24.73
C ARG A 46 17.93 23.13 24.04
C ARG A 46 17.93 23.12 24.04
N LYS A 47 16.60 23.12 24.19
CA LYS A 47 15.76 22.12 23.55
C LYS A 47 15.79 22.24 22.03
N LYS A 48 15.73 23.48 21.52
CA LYS A 48 15.79 23.72 20.08
C LYS A 48 17.13 23.28 19.52
N PHE A 49 18.19 23.47 20.31
CA PHE A 49 19.53 23.04 19.95
C PHE A 49 19.60 21.53 19.74
N VAL A 50 19.06 20.78 20.70
CA VAL A 50 19.03 19.33 20.59
C VAL A 50 18.11 18.89 19.46
N ALA A 51 17.00 19.59 19.29
CA ALA A 51 16.01 19.26 18.27
C ALA A 51 16.57 19.35 16.85
N ALA A 52 17.59 20.19 16.68
CA ALA A 52 18.19 20.41 15.36
C ALA A 52 18.95 19.19 14.88
N GLY A 53 19.66 18.53 15.81
CA GLY A 53 20.46 17.36 15.48
C GLY A 53 21.68 17.70 14.65
N PHE A 54 22.58 18.50 15.20
CA PHE A 54 23.77 18.93 14.46
C PHE A 54 24.80 17.80 14.31
N SER A 55 24.83 16.86 15.25
CA SER A 55 25.71 15.71 15.12
C SER A 55 25.13 14.70 14.13
N ARG A 56 23.81 14.64 14.06
CA ARG A 56 23.15 13.77 13.11
C ARG A 56 23.44 14.20 11.67
N VAL A 57 23.40 15.49 11.39
CA VAL A 57 23.67 15.95 10.03
C VAL A 57 25.16 15.74 9.70
N THR A 58 26.02 15.88 10.70
CA THR A 58 27.44 15.63 10.52
C THR A 58 27.68 14.16 10.18
N CYS A 59 26.95 13.27 10.86
CA CYS A 59 27.09 11.84 10.61
C CYS A 59 26.44 11.46 9.28
N LEU A 60 25.57 12.32 8.77
CA LEU A 60 25.00 12.15 7.44
C LEU A 60 25.95 12.72 6.37
N TYR A 61 26.67 13.77 6.74
CA TYR A 61 27.70 14.36 5.87
C TYR A 61 28.84 13.37 5.62
N PHE A 62 29.32 12.78 6.70
CA PHE A 62 30.52 11.94 6.65
C PHE A 62 30.28 10.55 7.24
N PRO A 63 29.41 9.75 6.59
CA PRO A 63 29.02 8.45 7.14
C PRO A 63 30.16 7.44 7.19
N LYS A 64 31.22 7.69 6.44
CA LYS A 64 32.36 6.77 6.41
C LYS A 64 33.56 7.33 7.16
N ALA A 65 33.31 8.32 8.01
CA ALA A 65 34.33 8.84 8.90
C ALA A 65 34.84 7.74 9.82
N LEU A 66 36.10 7.81 10.19
CA LEU A 66 36.68 6.88 11.16
C LEU A 66 35.97 7.03 12.51
N ASP A 67 35.85 5.93 13.23
CA ASP A 67 35.08 5.89 14.47
C ASP A 67 35.61 6.83 15.54
N ASP A 68 36.90 7.10 15.53
CA ASP A 68 37.51 7.95 16.56
C ASP A 68 37.83 9.35 16.05
N ARG A 69 37.25 9.73 14.91
CA ARG A 69 37.46 11.08 14.41
C ARG A 69 36.13 11.80 14.12
N ILE A 70 35.05 11.03 14.04
CA ILE A 70 33.75 11.60 13.70
C ILE A 70 33.31 12.64 14.73
N HIS A 71 33.68 12.45 16.00
CA HIS A 71 33.28 13.39 17.04
C HIS A 71 33.92 14.77 16.84
N PHE A 72 35.14 14.80 16.31
CA PHE A 72 35.80 16.07 15.99
C PHE A 72 34.96 16.87 15.00
N ALA A 73 34.55 16.21 13.93
CA ALA A 73 33.75 16.85 12.89
C ALA A 73 32.42 17.35 13.47
N CYS A 74 31.81 16.54 14.33
CA CYS A 74 30.55 16.93 14.97
C CYS A 74 30.70 18.20 15.80
N ARG A 75 31.80 18.29 16.54
CA ARG A 75 32.08 19.46 17.37
C ARG A 75 32.28 20.72 16.52
N LEU A 76 33.04 20.60 15.43
CA LEU A 76 33.35 21.76 14.60
C LEU A 76 32.09 22.29 13.94
N LEU A 77 31.33 21.42 13.30
CA LEU A 77 30.12 21.86 12.63
C LEU A 77 29.09 22.38 13.62
N THR A 78 29.02 21.78 14.80
CA THR A 78 28.06 22.22 15.83
C THR A 78 28.34 23.66 16.25
N VAL A 79 29.59 23.98 16.51
CA VAL A 79 29.92 25.33 16.96
C VAL A 79 29.76 26.32 15.79
N LEU A 80 30.00 25.88 14.56
CA LEU A 80 29.81 26.74 13.40
C LEU A 80 28.32 26.99 13.14
N PHE A 81 27.48 25.98 13.37
CA PHE A 81 26.05 26.16 13.29
C PHE A 81 25.57 27.20 14.31
N LEU A 82 26.07 27.09 15.54
CA LEU A 82 25.69 28.02 16.60
C LEU A 82 26.11 29.45 16.29
N ILE A 83 27.31 29.61 15.75
CA ILE A 83 27.82 30.94 15.40
C ILE A 83 27.05 31.51 14.22
N ASP A 84 26.73 30.64 13.26
CA ASP A 84 25.92 31.01 12.10
C ASP A 84 24.63 31.70 12.53
N ASP A 85 24.00 31.17 13.58
CA ASP A 85 22.77 31.74 14.10
C ASP A 85 23.02 33.03 14.87
N LEU A 86 24.10 33.08 15.65
CA LEU A 86 24.49 34.28 16.37
C LEU A 86 24.68 35.50 15.46
N LEU A 87 25.26 35.26 14.28
CA LEU A 87 25.60 36.35 13.38
C LEU A 87 24.37 37.06 12.83
N GLU A 88 23.23 36.38 12.87
CA GLU A 88 21.99 36.94 12.34
C GLU A 88 21.48 38.12 13.17
N TYR A 89 21.94 38.23 14.41
CA TYR A 89 21.55 39.35 15.27
C TYR A 89 22.62 40.43 15.31
N MET A 90 23.63 40.29 14.46
CA MET A 90 24.72 41.27 14.42
C MET A 90 24.73 42.03 13.11
N SER A 91 25.36 43.20 13.13
CA SER A 91 25.67 43.92 11.90
C SER A 91 26.81 43.19 11.20
N PHE A 92 27.10 43.58 9.97
CA PHE A 92 28.23 43.02 9.25
C PHE A 92 29.52 43.29 10.01
N GLU A 93 29.63 44.50 10.56
CA GLU A 93 30.81 44.91 11.31
C GLU A 93 30.99 44.06 12.58
N GLU A 94 29.91 43.92 13.35
CA GLU A 94 29.95 43.12 14.58
C GLU A 94 30.27 41.67 14.27
N GLY A 95 29.61 41.12 13.26
CA GLY A 95 29.83 39.75 12.85
C GLY A 95 31.27 39.48 12.45
N SER A 96 31.85 40.41 11.70
CA SER A 96 33.23 40.31 11.26
C SER A 96 34.19 40.32 12.45
N ALA A 97 34.00 41.26 13.38
CA ALA A 97 34.83 41.34 14.57
C ALA A 97 34.74 40.07 15.40
N TYR A 98 33.53 39.50 15.46
CA TYR A 98 33.30 38.26 16.18
C TYR A 98 34.11 37.10 15.59
N ASN A 99 34.00 36.91 14.28
CA ASN A 99 34.73 35.82 13.62
C ASN A 99 36.25 36.02 13.62
N GLU A 100 36.70 37.24 13.32
CA GLU A 100 38.13 37.51 13.21
C GLU A 100 38.87 37.24 14.52
N LYS A 101 38.17 37.39 15.64
CA LYS A 101 38.76 37.14 16.94
C LYS A 101 39.04 35.64 17.13
N LEU A 102 38.23 34.81 16.48
CA LEU A 102 38.33 33.35 16.63
C LEU A 102 39.38 32.74 15.72
N ILE A 103 39.83 33.50 14.73
CA ILE A 103 40.76 32.94 13.75
C ILE A 103 42.17 32.70 14.32
N PRO A 104 42.78 33.69 15.00
CA PRO A 104 44.07 33.35 15.59
C PRO A 104 43.97 32.32 16.71
N ILE A 105 42.82 32.31 17.38
CA ILE A 105 42.54 31.32 18.42
C ILE A 105 42.44 29.93 17.83
N SER A 106 41.82 29.84 16.65
CA SER A 106 41.72 28.58 15.92
C SER A 106 43.11 28.06 15.52
N ARG A 107 43.98 29.00 15.15
CA ARG A 107 45.36 28.66 14.78
C ARG A 107 46.17 28.21 15.99
N GLY A 108 45.76 28.64 17.18
CA GLY A 108 46.48 28.33 18.39
C GLY A 108 47.51 29.40 18.71
N ASP A 109 47.51 30.47 17.92
CA ASP A 109 48.47 31.57 18.10
C ASP A 109 48.07 32.48 19.25
N VAL A 110 46.78 32.50 19.57
CA VAL A 110 46.26 33.33 20.65
C VAL A 110 45.48 32.48 21.64
N LEU A 111 45.80 32.60 22.92
CA LEU A 111 45.11 31.86 23.97
C LEU A 111 43.70 32.40 24.17
N PRO A 112 42.76 31.51 24.52
CA PRO A 112 41.35 31.90 24.68
C PRO A 112 41.06 32.52 26.04
N ASP A 113 40.05 33.39 26.09
CA ASP A 113 39.51 33.87 27.36
C ASP A 113 38.64 32.76 27.93
N ARG A 114 39.11 32.14 29.01
CA ARG A 114 38.44 30.97 29.59
C ARG A 114 37.05 31.30 30.14
N SER A 115 36.72 32.58 30.27
CA SER A 115 35.39 32.98 30.72
C SER A 115 34.44 33.14 29.53
N ILE A 116 34.98 33.02 28.33
CA ILE A 116 34.19 33.16 27.11
C ILE A 116 34.10 31.82 26.38
N PRO A 117 32.95 31.12 26.54
CA PRO A 117 32.75 29.77 26.00
C PRO A 117 33.18 29.59 24.55
N VAL A 118 32.77 30.48 23.65
CA VAL A 118 33.07 30.28 22.24
C VAL A 118 34.58 30.24 22.02
N GLU A 119 35.33 31.03 22.80
CA GLU A 119 36.77 31.08 22.60
C GLU A 119 37.47 29.80 23.05
N TYR A 120 37.17 29.29 24.24
CA TYR A 120 37.91 28.11 24.69
C TYR A 120 37.35 26.82 24.08
N ILE A 121 36.09 26.85 23.65
CA ILE A 121 35.55 25.72 22.88
C ILE A 121 36.29 25.62 21.55
N ILE A 122 36.42 26.74 20.86
CA ILE A 122 37.13 26.78 19.57
C ILE A 122 38.60 26.39 19.74
N TYR A 123 39.25 26.95 20.74
CA TYR A 123 40.66 26.68 21.01
C TYR A 123 40.94 25.21 21.33
N ASP A 124 40.19 24.66 22.28
CA ASP A 124 40.38 23.29 22.72
C ASP A 124 40.10 22.29 21.59
N LEU A 125 39.10 22.61 20.77
CA LEU A 125 38.71 21.77 19.65
C LEU A 125 39.88 21.59 18.67
N TRP A 126 40.39 22.71 18.15
CA TRP A 126 41.47 22.66 17.18
C TRP A 126 42.76 22.07 17.75
N GLU A 127 43.00 22.33 19.03
CA GLU A 127 44.14 21.74 19.72
C GLU A 127 43.99 20.22 19.77
N SER A 128 42.78 19.75 20.07
CA SER A 128 42.52 18.32 20.14
C SER A 128 42.62 17.68 18.75
N MET A 129 42.26 18.44 17.72
CA MET A 129 42.33 17.92 16.35
C MET A 129 43.77 17.85 15.87
N ARG A 130 44.57 18.86 16.20
CA ARG A 130 45.99 18.84 15.85
C ARG A 130 46.74 17.73 16.59
N ALA A 131 46.28 17.40 17.80
CA ALA A 131 46.89 16.35 18.59
C ALA A 131 46.62 14.98 17.96
N HIS A 132 45.49 14.85 17.28
CA HIS A 132 45.12 13.58 16.67
C HIS A 132 45.77 13.41 15.30
N ASP A 133 45.78 14.48 14.51
CA ASP A 133 46.32 14.44 13.16
C ASP A 133 46.69 15.85 12.73
N ARG A 134 47.95 16.22 12.98
CA ARG A 134 48.40 17.59 12.84
C ARG A 134 48.33 18.11 11.41
N GLU A 135 48.83 17.34 10.47
CA GLU A 135 48.87 17.76 9.07
C GLU A 135 47.46 17.94 8.49
N MET A 136 46.58 16.98 8.74
CA MET A 136 45.23 17.04 8.18
C MET A 136 44.37 18.10 8.87
N ALA A 137 44.67 18.39 10.13
CA ALA A 137 43.91 19.38 10.88
C ALA A 137 44.24 20.79 10.40
N ASP A 138 45.51 21.04 10.10
CA ASP A 138 45.95 22.34 9.63
C ASP A 138 45.34 22.72 8.28
N GLU A 139 45.05 21.71 7.48
CA GLU A 139 44.55 21.95 6.14
C GLU A 139 43.06 22.32 6.14
N ILE A 140 42.45 22.26 7.32
CA ILE A 140 41.06 22.67 7.47
C ILE A 140 40.96 24.16 7.84
N LEU A 141 42.04 24.71 8.40
CA LEU A 141 42.03 26.07 8.95
C LEU A 141 41.63 27.16 7.95
N GLU A 142 42.42 27.31 6.89
CA GLU A 142 42.16 28.36 5.91
C GLU A 142 40.82 28.19 5.17
N PRO A 143 40.40 26.94 4.89
CA PRO A 143 39.04 26.81 4.36
C PRO A 143 37.95 27.30 5.33
N VAL A 144 38.16 27.08 6.62
CA VAL A 144 37.22 27.58 7.63
C VAL A 144 37.23 29.10 7.66
N PHE A 145 38.43 29.68 7.63
CA PHE A 145 38.59 31.14 7.67
C PHE A 145 37.98 31.79 6.43
N LEU A 146 38.07 31.10 5.31
CA LEU A 146 37.49 31.58 4.06
C LEU A 146 35.97 31.65 4.18
N PHE A 147 35.40 30.61 4.78
CA PHE A 147 33.96 30.54 5.02
C PHE A 147 33.50 31.62 6.00
N MET A 148 34.24 31.79 7.09
CA MET A 148 33.91 32.78 8.11
C MET A 148 33.84 34.19 7.55
N ARG A 149 34.81 34.51 6.70
CA ARG A 149 34.90 35.85 6.15
C ARG A 149 33.82 36.09 5.09
N ALA A 150 33.33 35.01 4.49
CA ALA A 150 32.25 35.11 3.53
C ALA A 150 30.93 35.42 4.23
N GLN A 151 30.78 34.93 5.46
CA GLN A 151 29.54 35.11 6.22
C GLN A 151 29.16 36.56 6.43
N THR A 152 30.17 37.43 6.56
CA THR A 152 29.91 38.84 6.85
C THR A 152 30.34 39.74 5.71
N ASP A 153 30.60 39.16 4.55
CA ASP A 153 30.99 39.91 3.36
C ASP A 153 29.86 40.85 2.93
N ARG A 154 30.17 42.11 2.69
CA ARG A 154 29.17 43.09 2.33
C ARG A 154 28.51 42.81 0.97
N THR A 155 29.05 41.85 0.23
CA THR A 155 28.45 41.45 -1.05
C THR A 155 27.07 40.82 -0.83
N ARG A 156 26.76 40.43 0.41
CA ARG A 156 25.46 39.88 0.76
C ARG A 156 24.34 40.90 0.62
N ALA A 157 24.70 42.18 0.74
CA ALA A 157 23.72 43.25 0.72
C ALA A 157 23.70 43.97 -0.63
N ARG A 158 24.33 43.37 -1.63
CA ARG A 158 24.38 43.95 -2.96
C ARG A 158 23.76 43.01 -3.98
N PRO A 159 23.21 43.58 -5.07
CA PRO A 159 22.54 42.77 -6.10
C PRO A 159 23.44 41.68 -6.66
N MET A 160 22.89 40.47 -6.80
CA MET A 160 23.62 39.36 -7.38
C MET A 160 22.73 38.60 -8.36
N GLY A 161 23.33 38.08 -9.42
CA GLY A 161 22.63 37.14 -10.29
C GLY A 161 22.87 35.75 -9.75
N LEU A 162 22.25 34.75 -10.38
CA LEU A 162 22.38 33.38 -9.92
C LEU A 162 23.83 32.91 -9.96
N GLY A 163 24.52 33.23 -11.04
CA GLY A 163 25.92 32.83 -11.20
C GLY A 163 26.82 33.46 -10.16
N GLY A 164 26.70 34.76 -9.96
CA GLY A 164 27.47 35.47 -8.96
C GLY A 164 27.17 34.98 -7.56
N TYR A 165 25.91 34.67 -7.30
CA TYR A 165 25.51 34.14 -6.00
C TYR A 165 26.18 32.79 -5.72
N LEU A 166 26.11 31.88 -6.68
CA LEU A 166 26.66 30.54 -6.48
C LEU A 166 28.16 30.58 -6.26
N GLU A 167 28.82 31.54 -6.90
CA GLU A 167 30.26 31.70 -6.76
C GLU A 167 30.60 32.17 -5.35
N TYR A 168 29.83 33.13 -4.84
CA TYR A 168 29.99 33.59 -3.46
C TYR A 168 29.57 32.51 -2.46
N ARG A 169 28.46 31.83 -2.75
CA ARG A 169 27.90 30.89 -1.79
C ARG A 169 28.77 29.65 -1.61
N GLU A 170 29.67 29.40 -2.56
CA GLU A 170 30.62 28.31 -2.41
C GLU A 170 31.45 28.52 -1.15
N ARG A 171 31.73 29.77 -0.83
CA ARG A 171 32.48 30.09 0.38
C ARG A 171 31.55 30.12 1.60
N ASP A 172 30.38 30.73 1.44
CA ASP A 172 29.44 30.85 2.55
C ASP A 172 28.80 29.51 2.96
N VAL A 173 28.77 28.55 2.04
CA VAL A 173 28.23 27.23 2.36
C VAL A 173 29.32 26.33 2.93
N GLY A 174 30.55 26.82 2.88
CA GLY A 174 31.70 26.11 3.43
C GLY A 174 32.07 24.85 2.68
N LYS A 175 31.92 24.87 1.36
CA LYS A 175 32.26 23.71 0.53
C LYS A 175 33.68 23.22 0.79
N GLU A 176 34.62 24.15 0.84
CA GLU A 176 36.03 23.78 1.00
C GLU A 176 36.34 23.23 2.39
N LEU A 177 35.76 23.81 3.43
CA LEU A 177 36.04 23.32 4.77
C LEU A 177 35.40 21.95 4.97
N LEU A 178 34.25 21.73 4.36
CA LEU A 178 33.56 20.45 4.46
C LEU A 178 34.38 19.35 3.79
N ALA A 179 35.02 19.70 2.68
CA ALA A 179 35.87 18.73 1.98
C ALA A 179 37.11 18.40 2.80
N ALA A 180 37.75 19.42 3.34
CA ALA A 180 38.94 19.22 4.17
C ALA A 180 38.61 18.46 5.44
N LEU A 181 37.43 18.75 6.02
CA LEU A 181 36.99 18.07 7.23
C LEU A 181 36.60 16.63 6.95
N MET A 182 36.00 16.39 5.78
CA MET A 182 35.66 15.03 5.38
C MET A 182 36.91 14.16 5.27
N ARG A 183 37.93 14.69 4.60
CA ARG A 183 39.19 13.97 4.44
C ARG A 183 39.83 13.71 5.81
N PHE A 184 39.84 14.73 6.66
CA PHE A 184 40.34 14.58 8.03
C PHE A 184 39.61 13.46 8.77
N SER A 185 38.29 13.49 8.71
CA SER A 185 37.47 12.55 9.48
C SER A 185 37.62 11.13 8.95
N MET A 186 38.01 11.00 7.69
CA MET A 186 38.19 9.69 7.07
C MET A 186 39.66 9.27 7.01
N GLY A 187 40.55 10.19 7.37
CA GLY A 187 41.97 9.95 7.24
C GLY A 187 42.36 9.81 5.78
N LEU A 188 41.59 10.44 4.90
CA LEU A 188 41.81 10.32 3.45
C LEU A 188 42.77 11.38 2.94
N LYS A 189 44.02 11.00 2.74
CA LYS A 189 45.04 11.92 2.23
C LYS A 189 45.07 11.92 0.71
N LEU A 190 44.99 13.12 0.12
CA LEU A 190 45.06 13.27 -1.32
C LEU A 190 46.20 14.19 -1.72
N SER A 191 46.91 13.84 -2.79
CA SER A 191 47.99 14.68 -3.28
C SER A 191 47.43 15.95 -3.91
N PRO A 192 48.26 17.01 -3.99
CA PRO A 192 47.84 18.24 -4.67
C PRO A 192 47.34 18.00 -6.09
N SER A 193 47.98 17.08 -6.82
CA SER A 193 47.59 16.77 -8.18
C SER A 193 46.22 16.09 -8.21
N GLU A 194 45.98 15.19 -7.26
CA GLU A 194 44.68 14.53 -7.15
C GLU A 194 43.56 15.54 -6.89
N LEU A 195 43.81 16.46 -5.96
CA LEU A 195 42.83 17.48 -5.63
C LEU A 195 42.53 18.38 -6.82
N GLN A 196 43.55 18.66 -7.63
CA GLN A 196 43.40 19.47 -8.83
C GLN A 196 42.48 18.80 -9.85
N ARG A 197 42.50 17.47 -9.88
CA ARG A 197 41.71 16.71 -10.83
C ARG A 197 40.20 16.78 -10.55
N VAL A 198 39.83 16.90 -9.28
CA VAL A 198 38.42 16.89 -8.92
C VAL A 198 37.89 18.29 -8.61
N ARG A 199 38.62 19.32 -9.04
CA ARG A 199 38.21 20.70 -8.81
C ARG A 199 36.84 20.99 -9.45
N GLU A 200 36.66 20.54 -10.68
CA GLU A 200 35.40 20.74 -11.39
C GLU A 200 34.26 20.00 -10.70
N ILE A 201 34.56 18.81 -10.21
CA ILE A 201 33.59 18.02 -9.44
C ILE A 201 33.22 18.73 -8.14
N ASP A 202 34.22 19.31 -7.47
CA ASP A 202 33.98 20.09 -6.24
C ASP A 202 33.04 21.26 -6.48
N ALA A 203 33.31 22.01 -7.55
CA ALA A 203 32.52 23.21 -7.88
C ALA A 203 31.06 22.86 -8.11
N ASN A 204 30.83 21.75 -8.81
CA ASN A 204 29.48 21.28 -9.09
C ASN A 204 28.77 20.80 -7.82
N CYS A 205 29.53 20.13 -6.95
CA CYS A 205 28.99 19.65 -5.68
C CYS A 205 28.57 20.83 -4.80
N SER A 206 29.37 21.90 -4.84
CA SER A 206 29.09 23.10 -4.06
C SER A 206 27.72 23.70 -4.38
N LYS A 207 27.38 23.73 -5.67
CA LYS A 207 26.09 24.30 -6.09
C LYS A 207 24.93 23.48 -5.54
N HIS A 208 25.08 22.16 -5.57
CA HIS A 208 24.07 21.27 -5.03
C HIS A 208 23.84 21.52 -3.53
N LEU A 209 24.94 21.53 -2.78
CA LEU A 209 24.89 21.82 -1.34
C LEU A 209 24.19 23.14 -1.05
N SER A 210 24.60 24.18 -1.77
CA SER A 210 24.07 25.52 -1.57
C SER A 210 22.57 25.61 -1.80
N VAL A 211 22.12 25.14 -2.97
CA VAL A 211 20.74 25.35 -3.39
C VAL A 211 19.77 24.44 -2.65
N VAL A 212 20.15 23.18 -2.44
CA VAL A 212 19.34 22.28 -1.63
C VAL A 212 19.10 22.90 -0.25
N ASN A 213 20.16 23.40 0.37
CA ASN A 213 20.00 24.09 1.65
C ASN A 213 19.09 25.32 1.52
N ASP A 214 19.30 26.11 0.47
CA ASP A 214 18.49 27.31 0.25
C ASP A 214 17.00 26.98 0.19
N ILE A 215 16.67 25.89 -0.51
CA ILE A 215 15.28 25.49 -0.68
C ILE A 215 14.62 25.13 0.66
N TYR A 216 15.24 24.24 1.42
CA TYR A 216 14.64 23.78 2.66
C TYR A 216 14.72 24.81 3.79
N SER A 217 15.73 25.66 3.77
CA SER A 217 15.92 26.61 4.86
C SER A 217 15.35 28.00 4.55
N TYR A 218 14.61 28.12 3.45
CA TYR A 218 14.11 29.43 3.03
C TYR A 218 13.09 30.04 4.01
N GLU A 219 12.15 29.22 4.48
CA GLU A 219 11.12 29.73 5.40
C GLU A 219 11.74 30.26 6.68
N LYS A 220 12.70 29.52 7.22
CA LYS A 220 13.46 29.95 8.40
C LYS A 220 14.17 31.28 8.15
N GLU A 221 14.83 31.38 7.01
CA GLU A 221 15.62 32.56 6.69
C GLU A 221 14.74 33.75 6.35
N LEU A 222 13.56 33.46 5.78
CA LEU A 222 12.57 34.50 5.51
C LEU A 222 12.14 35.14 6.82
N TYR A 223 11.79 34.31 7.81
CA TYR A 223 11.38 34.78 9.12
C TYR A 223 12.49 35.59 9.79
N THR A 224 13.71 35.08 9.69
CA THR A 224 14.88 35.77 10.25
C THR A 224 15.07 37.15 9.62
N SER A 225 14.86 37.26 8.31
CA SER A 225 15.09 38.54 7.63
C SER A 225 14.12 39.60 8.09
N LYS A 226 12.96 39.18 8.60
CA LYS A 226 11.92 40.10 9.04
C LYS A 226 12.02 40.43 10.53
N THR A 227 12.78 39.63 11.28
CA THR A 227 12.79 39.76 12.73
C THR A 227 14.16 40.06 13.34
N ALA A 228 15.22 39.59 12.71
CA ALA A 228 16.56 39.78 13.26
C ALA A 228 17.22 41.06 12.74
N HIS A 229 18.54 41.07 12.70
CA HIS A 229 19.26 42.26 12.25
C HIS A 229 19.12 42.43 10.74
N SER A 230 18.95 43.66 10.29
CA SER A 230 18.70 43.93 8.88
C SER A 230 19.90 43.56 8.01
N GLU A 231 21.09 43.50 8.62
CA GLU A 231 22.29 43.07 7.91
C GLU A 231 22.57 41.58 8.14
N GLY A 232 22.82 41.22 9.40
CA GLY A 232 23.15 39.84 9.74
C GLY A 232 22.11 38.83 9.31
N GLY A 233 20.85 39.23 9.32
CA GLY A 233 19.77 38.33 8.95
C GLY A 233 19.24 38.58 7.56
N ILE A 234 20.01 39.29 6.74
CA ILE A 234 19.57 39.64 5.40
C ILE A 234 19.29 38.39 4.56
N LEU A 235 18.25 38.46 3.72
CA LEU A 235 17.84 37.36 2.89
C LEU A 235 18.73 37.24 1.67
N CYS A 236 19.73 36.39 1.77
CA CYS A 236 20.68 36.16 0.68
C CYS A 236 20.63 34.69 0.28
N THR A 237 19.89 34.39 -0.79
CA THR A 237 19.62 33.00 -1.14
C THR A 237 19.19 32.86 -2.60
N SER A 238 19.46 31.71 -3.19
CA SER A 238 19.10 31.44 -4.58
C SER A 238 17.59 31.48 -4.79
N VAL A 239 16.83 31.13 -3.75
CA VAL A 239 15.39 31.12 -3.83
C VAL A 239 14.82 32.50 -4.16
N GLN A 240 15.34 33.53 -3.51
CA GLN A 240 14.81 34.86 -3.74
C GLN A 240 15.48 35.50 -4.97
N ILE A 241 16.72 35.10 -5.26
CA ILE A 241 17.41 35.57 -6.47
C ILE A 241 16.63 35.15 -7.72
N LEU A 242 16.32 33.86 -7.81
CA LEU A 242 15.58 33.34 -8.96
C LEU A 242 14.16 33.91 -9.01
N ALA A 243 13.56 34.07 -7.84
CA ALA A 243 12.21 34.62 -7.77
C ALA A 243 12.18 36.05 -8.31
N GLN A 244 13.23 36.82 -8.02
CA GLN A 244 13.35 38.18 -8.51
C GLN A 244 13.63 38.24 -10.01
N GLU A 245 14.60 37.45 -10.46
CA GLU A 245 15.00 37.44 -11.86
C GLU A 245 13.86 37.04 -12.79
N ALA A 246 13.07 36.06 -12.36
CA ALA A 246 12.00 35.51 -13.19
C ALA A 246 10.63 36.08 -12.85
N ASP A 247 10.57 36.88 -11.79
CA ASP A 247 9.32 37.48 -11.31
C ASP A 247 8.27 36.41 -10.98
N VAL A 248 8.68 35.40 -10.22
CA VAL A 248 7.75 34.40 -9.72
C VAL A 248 7.81 34.33 -8.19
N THR A 249 6.90 33.57 -7.59
CA THR A 249 6.91 33.39 -6.15
C THR A 249 8.11 32.55 -5.71
N ALA A 250 8.46 32.64 -4.42
CA ALA A 250 9.54 31.86 -3.84
C ALA A 250 9.23 30.36 -3.94
N GLU A 251 7.95 30.02 -3.82
CA GLU A 251 7.52 28.64 -3.93
C GLU A 251 7.77 28.12 -5.34
N ALA A 252 7.52 28.97 -6.33
CA ALA A 252 7.78 28.65 -7.73
C ALA A 252 9.27 28.49 -7.99
N ALA A 253 10.06 29.36 -7.37
CA ALA A 253 11.51 29.31 -7.52
C ALA A 253 12.09 28.02 -6.98
N LYS A 254 11.57 27.57 -5.84
CA LYS A 254 12.00 26.32 -5.23
C LYS A 254 11.80 25.13 -6.15
N ARG A 255 10.63 25.06 -6.79
CA ARG A 255 10.32 23.97 -7.69
C ARG A 255 11.30 23.93 -8.85
N VAL A 256 11.65 25.11 -9.37
CA VAL A 256 12.59 25.21 -10.48
C VAL A 256 14.01 24.84 -10.04
N LEU A 257 14.43 25.39 -8.89
CA LEU A 257 15.75 25.11 -8.36
C LEU A 257 15.95 23.63 -8.02
N PHE A 258 14.88 22.97 -7.59
CA PHE A 258 14.93 21.54 -7.31
C PHE A 258 15.32 20.74 -8.55
N VAL A 259 14.75 21.12 -9.69
CA VAL A 259 15.08 20.48 -10.95
C VAL A 259 16.54 20.73 -11.31
N MET A 260 17.02 21.93 -11.03
CA MET A 260 18.42 22.27 -11.30
CA MET A 260 18.41 22.29 -11.27
C MET A 260 19.35 21.45 -10.41
N CYS A 261 18.93 21.16 -9.19
CA CYS A 261 19.74 20.35 -8.28
C CYS A 261 19.92 18.94 -8.84
N ARG A 262 18.88 18.39 -9.45
CA ARG A 262 18.98 17.06 -10.04
C ARG A 262 19.86 17.08 -11.28
N GLU A 263 19.90 18.21 -11.98
CA GLU A 263 20.81 18.33 -13.11
C GLU A 263 22.25 18.31 -12.63
N TRP A 264 22.51 18.91 -11.48
CA TRP A 264 23.85 18.89 -10.91
C TRP A 264 24.22 17.48 -10.43
N GLU A 265 23.24 16.71 -9.97
CA GLU A 265 23.49 15.33 -9.60
C GLU A 265 23.88 14.52 -10.84
N LEU A 266 23.22 14.82 -11.96
CA LEU A 266 23.52 14.18 -13.23
C LEU A 266 24.91 14.58 -13.72
N ARG A 267 25.27 15.85 -13.54
CA ARG A 267 26.59 16.33 -13.95
C ARG A 267 27.68 15.69 -13.11
N HIS A 268 27.41 15.50 -11.82
CA HIS A 268 28.35 14.85 -10.92
C HIS A 268 28.71 13.45 -11.43
N GLN A 269 27.68 12.68 -11.78
CA GLN A 269 27.87 11.32 -12.28
C GLN A 269 28.63 11.32 -13.60
N LEU A 270 28.32 12.26 -14.47
CA LEU A 270 29.01 12.39 -15.76
C LEU A 270 30.48 12.70 -15.58
N LEU A 271 30.79 13.67 -14.70
CA LEU A 271 32.17 14.07 -14.46
C LEU A 271 32.99 12.95 -13.83
N VAL A 272 32.39 12.21 -12.89
CA VAL A 272 33.08 11.09 -12.26
C VAL A 272 33.32 9.97 -13.27
N ALA A 273 32.35 9.74 -14.14
CA ALA A 273 32.44 8.72 -15.17
C ALA A 273 33.56 9.05 -16.16
N ARG A 274 33.71 10.34 -16.47
CA ARG A 274 34.79 10.80 -17.33
C ARG A 274 36.14 10.63 -16.66
N LEU A 275 36.20 10.91 -15.36
CA LEU A 275 37.42 10.78 -14.58
C LEU A 275 37.91 9.33 -14.61
N SER A 276 36.99 8.39 -14.43
CA SER A 276 37.30 6.97 -14.42
C SER A 276 37.75 6.48 -15.80
N ALA A 277 37.03 6.91 -16.84
CA ALA A 277 37.30 6.48 -18.20
C ALA A 277 38.69 6.90 -18.67
N GLU A 278 39.15 8.05 -18.20
CA GLU A 278 40.45 8.57 -18.58
C GLU A 278 41.56 7.97 -17.72
N GLY A 279 41.19 7.06 -16.83
CA GLY A 279 42.14 6.38 -15.97
C GLY A 279 42.71 7.28 -14.89
N LEU A 280 41.94 8.28 -14.48
CA LEU A 280 42.44 9.29 -13.56
C LEU A 280 41.84 9.16 -12.15
N GLU A 281 40.84 8.29 -12.01
CA GLU A 281 40.22 8.07 -10.70
C GLU A 281 41.04 7.09 -9.87
N THR A 282 41.97 7.63 -9.09
CA THR A 282 42.75 6.83 -8.14
C THR A 282 41.83 6.25 -7.06
N PRO A 283 42.33 5.26 -6.29
CA PRO A 283 41.53 4.73 -5.18
C PRO A 283 41.11 5.82 -4.17
N GLY A 284 42.03 6.72 -3.86
CA GLY A 284 41.73 7.82 -2.97
C GLY A 284 40.68 8.75 -3.54
N LEU A 285 40.80 9.04 -4.83
CA LEU A 285 39.84 9.92 -5.50
C LEU A 285 38.46 9.25 -5.57
N ALA A 286 38.44 7.93 -5.74
CA ALA A 286 37.18 7.19 -5.78
C ALA A 286 36.45 7.29 -4.45
N ALA A 287 37.19 7.22 -3.35
CA ALA A 287 36.62 7.37 -2.02
C ALA A 287 36.13 8.80 -1.81
N TYR A 288 36.90 9.75 -2.33
CA TYR A 288 36.59 11.17 -2.18
C TYR A 288 35.28 11.56 -2.87
N VAL A 289 35.12 11.18 -4.14
CA VAL A 289 33.92 11.57 -4.90
C VAL A 289 32.68 10.87 -4.35
N GLU A 290 32.87 9.68 -3.80
CA GLU A 290 31.79 8.98 -3.13
C GLU A 290 31.40 9.74 -1.88
N GLY A 291 32.41 10.26 -1.18
CA GLY A 291 32.21 11.04 0.01
C GLY A 291 31.42 12.31 -0.26
N LEU A 292 31.72 12.96 -1.38
CA LEU A 292 30.97 14.14 -1.82
C LEU A 292 29.50 13.82 -2.04
N GLU A 293 29.24 12.65 -2.62
CA GLU A 293 27.87 12.23 -2.86
C GLU A 293 27.12 12.06 -1.55
N TYR A 294 27.80 11.49 -0.55
CA TYR A 294 27.24 11.35 0.79
C TYR A 294 26.87 12.70 1.39
N GLN A 295 27.71 13.70 1.15
CA GLN A 295 27.46 15.05 1.63
C GLN A 295 26.17 15.59 1.04
N MET A 296 26.02 15.42 -0.27
CA MET A 296 24.86 15.96 -0.99
C MET A 296 23.57 15.28 -0.57
N SER A 297 23.58 13.95 -0.49
CA SER A 297 22.38 13.21 -0.17
C SER A 297 22.10 13.27 1.33
N GLY A 298 23.16 13.26 2.13
CA GLY A 298 23.05 13.39 3.57
C GLY A 298 22.46 14.73 3.98
N ALA A 299 22.96 15.80 3.36
CA ALA A 299 22.46 17.15 3.64
C ALA A 299 20.98 17.24 3.31
N GLU A 300 20.59 16.68 2.18
CA GLU A 300 19.19 16.76 1.76
C GLU A 300 18.26 15.97 2.67
N LEU A 301 18.67 14.76 3.06
CA LEU A 301 17.85 13.94 3.96
C LEU A 301 17.61 14.68 5.28
N TRP A 302 18.69 15.20 5.86
CA TRP A 302 18.58 15.96 7.11
C TRP A 302 17.75 17.22 6.92
N SER A 303 17.98 17.95 5.83
CA SER A 303 17.24 19.18 5.56
C SER A 303 15.74 18.91 5.45
N GLN A 304 15.40 17.73 4.94
CA GLN A 304 14.01 17.31 4.79
C GLN A 304 13.28 17.08 6.12
N THR A 305 14.04 16.77 7.16
CA THR A 305 13.42 16.29 8.39
C THR A 305 13.78 17.09 9.64
N THR A 306 14.85 17.87 9.59
CA THR A 306 15.28 18.60 10.80
C THR A 306 14.26 19.66 11.22
N LEU A 307 14.07 19.76 12.53
CA LEU A 307 13.15 20.74 13.10
C LEU A 307 13.68 22.16 12.92
N ARG A 308 14.98 22.28 12.62
CA ARG A 308 15.59 23.57 12.35
C ARG A 308 14.90 24.29 11.20
N TYR A 309 14.45 23.52 10.21
CA TYR A 309 13.84 24.11 9.02
C TYR A 309 12.31 24.00 9.02
N SER A 310 11.77 23.03 9.74
CA SER A 310 10.31 22.82 9.73
C SER A 310 9.60 23.65 10.79
N VAL A 311 10.32 24.00 11.85
CA VAL A 311 9.77 24.84 12.91
C VAL A 311 10.81 25.84 13.42
N LEU B 8 10.03 -30.14 32.37
CA LEU B 8 8.97 -30.42 31.41
C LEU B 8 9.52 -31.19 30.21
N GLU B 9 9.03 -32.41 30.03
CA GLU B 9 9.50 -33.26 28.94
C GLU B 9 8.58 -33.15 27.73
N PRO B 10 9.06 -32.53 26.65
CA PRO B 10 8.24 -32.38 25.45
C PRO B 10 8.00 -33.72 24.78
N PRO B 11 6.75 -33.98 24.34
CA PRO B 11 6.46 -35.18 23.56
C PRO B 11 7.18 -35.14 22.22
N PRO B 12 7.43 -36.32 21.62
CA PRO B 12 8.15 -36.39 20.35
C PRO B 12 7.50 -35.58 19.23
N SER B 13 8.33 -34.99 18.38
CA SER B 13 7.89 -34.27 17.20
C SER B 13 8.71 -34.70 15.99
N THR B 14 8.06 -34.84 14.84
CA THR B 14 8.77 -35.21 13.62
C THR B 14 9.37 -33.98 12.93
N PHE B 15 9.12 -32.80 13.50
CA PHE B 15 9.63 -31.57 12.93
C PHE B 15 11.10 -31.36 13.26
N GLN B 16 11.92 -31.07 12.24
CA GLN B 16 13.32 -30.73 12.47
C GLN B 16 13.51 -29.20 12.40
N PRO B 17 13.74 -28.57 13.55
CA PRO B 17 13.97 -27.12 13.57
C PRO B 17 15.25 -26.73 12.83
N LEU B 18 15.20 -25.63 12.08
CA LEU B 18 16.35 -25.14 11.33
C LEU B 18 16.65 -23.70 11.73
N CYS B 19 17.92 -23.32 11.69
CA CYS B 19 18.33 -21.97 12.04
C CYS B 19 19.09 -21.32 10.87
N HIS B 20 18.84 -20.03 10.63
CA HIS B 20 19.53 -19.31 9.58
C HIS B 20 21.04 -19.35 9.80
N PRO B 21 21.79 -19.61 8.72
CA PRO B 21 23.26 -19.75 8.78
C PRO B 21 23.98 -18.53 9.34
N LEU B 22 23.42 -17.35 9.13
CA LEU B 22 24.09 -16.12 9.51
C LEU B 22 23.64 -15.61 10.87
N VAL B 23 23.15 -16.52 11.72
CA VAL B 23 22.57 -16.14 13.00
C VAL B 23 23.55 -15.41 13.91
N GLU B 24 24.82 -15.82 13.91
CA GLU B 24 25.80 -15.21 14.79
C GLU B 24 26.13 -13.77 14.40
N GLU B 25 26.30 -13.54 13.10
CA GLU B 25 26.64 -12.20 12.63
C GLU B 25 25.45 -11.25 12.75
N VAL B 26 24.27 -11.71 12.38
CA VAL B 26 23.08 -10.87 12.40
C VAL B 26 22.67 -10.53 13.84
N SER B 27 22.78 -11.49 14.74
CA SER B 27 22.44 -11.28 16.14
C SER B 27 23.36 -10.23 16.77
N LYS B 28 24.65 -10.30 16.44
CA LYS B 28 25.62 -9.32 16.92
C LYS B 28 25.26 -7.92 16.39
N GLU B 29 24.94 -7.87 15.10
CA GLU B 29 24.56 -6.61 14.46
C GLU B 29 23.31 -5.97 15.08
N VAL B 30 22.23 -6.74 15.17
CA VAL B 30 20.96 -6.20 15.64
C VAL B 30 20.94 -5.93 17.14
N ASP B 31 21.52 -6.83 17.93
CA ASP B 31 21.65 -6.59 19.38
C ASP B 31 22.43 -5.31 19.62
N GLY B 32 23.52 -5.14 18.90
CA GLY B 32 24.36 -3.97 19.03
C GLY B 32 23.62 -2.70 18.68
N TYR B 33 22.77 -2.79 17.65
CA TYR B 33 21.95 -1.66 17.25
C TYR B 33 21.03 -1.22 18.37
N PHE B 34 20.33 -2.18 18.98
CA PHE B 34 19.36 -1.86 20.02
C PHE B 34 20.04 -1.47 21.33
N LEU B 35 21.22 -2.03 21.60
CA LEU B 35 21.98 -1.64 22.79
C LEU B 35 22.43 -0.18 22.71
N GLN B 36 22.60 0.31 21.48
CA GLN B 36 22.96 1.70 21.27
C GLN B 36 21.77 2.65 21.30
N HIS B 37 20.69 2.26 20.63
CA HIS B 37 19.58 3.19 20.40
C HIS B 37 18.42 3.07 21.41
N TRP B 38 18.13 1.86 21.84
CA TRP B 38 17.00 1.65 22.75
C TRP B 38 17.35 2.10 24.17
N ASN B 39 16.35 2.58 24.89
CA ASN B 39 16.54 3.08 26.25
C ASN B 39 16.22 2.02 27.31
N PHE B 40 17.27 1.40 27.86
CA PHE B 40 17.09 0.41 28.92
C PHE B 40 17.17 1.06 30.30
N PRO B 41 16.38 0.56 31.26
CA PRO B 41 16.38 1.12 32.62
C PRO B 41 17.70 0.92 33.37
N ASN B 42 18.41 -0.17 33.10
CA ASN B 42 19.68 -0.43 33.77
C ASN B 42 20.50 -1.49 33.06
N GLU B 43 21.67 -1.79 33.63
CA GLU B 43 22.57 -2.78 33.05
C GLU B 43 21.98 -4.18 33.14
N LYS B 44 21.18 -4.42 34.18
CA LYS B 44 20.50 -5.70 34.35
C LYS B 44 19.55 -5.96 33.18
N ALA B 45 18.83 -4.93 32.75
CA ALA B 45 17.91 -5.04 31.63
C ALA B 45 18.65 -5.23 30.31
N ARG B 46 19.83 -4.61 30.19
CA ARG B 46 20.64 -4.72 29.00
C ARG B 46 21.15 -6.15 28.82
N LYS B 47 21.53 -6.78 29.93
CA LYS B 47 22.01 -8.15 29.92
C LYS B 47 20.88 -9.13 29.65
N LYS B 48 19.73 -8.88 30.26
CA LYS B 48 18.55 -9.71 30.07
C LYS B 48 18.07 -9.65 28.61
N PHE B 49 18.26 -8.50 27.99
CA PHE B 49 17.90 -8.30 26.59
C PHE B 49 18.73 -9.18 25.68
N VAL B 50 20.05 -9.16 25.89
CA VAL B 50 20.96 -9.98 25.10
C VAL B 50 20.72 -11.47 25.36
N ALA B 51 20.43 -11.81 26.61
CA ALA B 51 20.21 -13.20 27.00
C ALA B 51 18.97 -13.80 26.33
N ALA B 52 17.98 -12.96 26.04
CA ALA B 52 16.76 -13.39 25.39
C ALA B 52 17.02 -13.97 24.00
N GLY B 53 17.94 -13.33 23.28
CA GLY B 53 18.28 -13.76 21.93
C GLY B 53 17.14 -13.58 20.95
N PHE B 54 16.69 -12.34 20.79
CA PHE B 54 15.56 -12.04 19.92
C PHE B 54 15.89 -12.24 18.45
N SER B 55 17.16 -12.05 18.08
CA SER B 55 17.57 -12.30 16.70
C SER B 55 17.75 -13.80 16.48
N ARG B 56 18.11 -14.52 17.55
CA ARG B 56 18.25 -15.96 17.47
C ARG B 56 16.92 -16.64 17.17
N VAL B 57 15.84 -16.20 17.82
CA VAL B 57 14.54 -16.80 17.56
C VAL B 57 14.03 -16.45 16.17
N THR B 58 14.38 -15.25 15.70
CA THR B 58 14.00 -14.82 14.35
C THR B 58 14.65 -15.72 13.31
N CYS B 59 15.92 -16.05 13.53
CA CYS B 59 16.64 -16.92 12.62
C CYS B 59 16.12 -18.36 12.70
N LEU B 60 15.47 -18.69 13.81
CA LEU B 60 14.81 -19.98 13.94
C LEU B 60 13.42 -19.94 13.30
N TYR B 61 12.77 -18.78 13.35
CA TYR B 61 11.49 -18.57 12.68
C TYR B 61 11.62 -18.72 11.17
N PHE B 62 12.62 -18.04 10.61
CA PHE B 62 12.78 -17.97 9.16
C PHE B 62 14.17 -18.42 8.72
N PRO B 63 14.47 -19.72 8.85
CA PRO B 63 15.82 -20.21 8.55
C PRO B 63 16.18 -20.15 7.07
N LYS B 64 15.20 -19.95 6.20
CA LYS B 64 15.48 -19.89 4.76
C LYS B 64 15.29 -18.47 4.22
N ALA B 65 15.30 -17.50 5.12
CA ALA B 65 15.31 -16.10 4.73
C ALA B 65 16.53 -15.80 3.89
N LEU B 66 16.39 -14.90 2.92
CA LEU B 66 17.53 -14.46 2.12
C LEU B 66 18.56 -13.80 3.03
N ASP B 67 19.84 -13.93 2.67
CA ASP B 67 20.92 -13.45 3.52
C ASP B 67 20.90 -11.93 3.74
N ASP B 68 20.41 -11.18 2.76
CA ASP B 68 20.40 -9.74 2.88
C ASP B 68 19.05 -9.19 3.36
N ARG B 69 18.19 -10.07 3.86
CA ARG B 69 16.88 -9.63 4.32
C ARG B 69 16.59 -10.06 5.75
N ILE B 70 17.31 -11.08 6.24
CA ILE B 70 17.04 -11.64 7.55
C ILE B 70 17.20 -10.60 8.66
N HIS B 71 18.12 -9.65 8.50
CA HIS B 71 18.35 -8.64 9.53
C HIS B 71 17.13 -7.72 9.69
N PHE B 72 16.37 -7.50 8.62
CA PHE B 72 15.15 -6.71 8.71
C PHE B 72 14.15 -7.37 9.66
N ALA B 73 13.96 -8.68 9.49
CA ALA B 73 13.04 -9.45 10.32
C ALA B 73 13.50 -9.42 11.77
N CYS B 74 14.81 -9.55 11.96
CA CYS B 74 15.39 -9.55 13.29
C CYS B 74 15.11 -8.23 14.02
N ARG B 75 15.27 -7.12 13.30
CA ARG B 75 15.03 -5.80 13.86
C ARG B 75 13.56 -5.60 14.22
N LEU B 76 12.66 -6.05 13.35
CA LEU B 76 11.23 -5.85 13.56
C LEU B 76 10.72 -6.65 14.74
N LEU B 77 11.10 -7.92 14.82
CA LEU B 77 10.64 -8.76 15.91
C LEU B 77 11.25 -8.33 17.24
N THR B 78 12.50 -7.86 17.20
CA THR B 78 13.15 -7.37 18.41
C THR B 78 12.40 -6.20 19.03
N VAL B 79 12.02 -5.21 18.22
CA VAL B 79 11.36 -4.04 18.77
C VAL B 79 9.93 -4.41 19.17
N LEU B 80 9.31 -5.36 18.47
CA LEU B 80 7.98 -5.81 18.84
C LEU B 80 8.03 -6.58 20.17
N PHE B 81 9.07 -7.37 20.36
CA PHE B 81 9.28 -8.04 21.65
C PHE B 81 9.45 -7.03 22.79
N LEU B 82 10.24 -6.00 22.55
CA LEU B 82 10.48 -4.95 23.54
C LEU B 82 9.19 -4.23 23.92
N ILE B 83 8.39 -3.89 22.91
CA ILE B 83 7.13 -3.19 23.12
C ILE B 83 6.12 -4.09 23.82
N ASP B 84 6.09 -5.37 23.43
CA ASP B 84 5.24 -6.36 24.05
C ASP B 84 5.42 -6.36 25.57
N ASP B 85 6.67 -6.20 26.00
CA ASP B 85 6.98 -6.15 27.41
C ASP B 85 6.58 -4.82 28.05
N LEU B 86 6.78 -3.72 27.32
CA LEU B 86 6.41 -2.39 27.82
C LEU B 86 4.91 -2.26 28.09
N LEU B 87 4.10 -2.89 27.24
CA LEU B 87 2.64 -2.79 27.34
C LEU B 87 2.10 -3.39 28.64
N GLU B 88 2.88 -4.27 29.26
CA GLU B 88 2.46 -4.93 30.49
C GLU B 88 2.38 -3.97 31.67
N TYR B 89 3.10 -2.85 31.59
CA TYR B 89 3.10 -1.86 32.65
C TYR B 89 2.12 -0.72 32.36
N MET B 90 1.31 -0.90 31.32
CA MET B 90 0.32 0.09 30.94
C MET B 90 -1.09 -0.44 31.06
N SER B 91 -2.06 0.48 31.07
CA SER B 91 -3.47 0.10 30.93
C SER B 91 -3.78 -0.18 29.47
N PHE B 92 -4.97 -0.71 29.21
CA PHE B 92 -5.42 -0.96 27.85
C PHE B 92 -5.50 0.34 27.05
N GLU B 93 -5.88 1.41 27.71
CA GLU B 93 -6.00 2.72 27.07
C GLU B 93 -4.63 3.30 26.75
N GLU B 94 -3.72 3.21 27.71
CA GLU B 94 -2.35 3.72 27.54
C GLU B 94 -1.58 2.91 26.52
N GLY B 95 -1.76 1.59 26.56
CA GLY B 95 -1.10 0.70 25.62
C GLY B 95 -1.57 0.96 24.21
N SER B 96 -2.88 1.16 24.05
CA SER B 96 -3.46 1.47 22.76
C SER B 96 -2.91 2.77 22.20
N ALA B 97 -2.79 3.78 23.06
CA ALA B 97 -2.27 5.09 22.65
C ALA B 97 -0.82 4.96 22.20
N TYR B 98 -0.06 4.14 22.92
CA TYR B 98 1.34 3.89 22.60
C TYR B 98 1.49 3.28 21.21
N ASN B 99 0.73 2.21 20.94
CA ASN B 99 0.78 1.52 19.66
C ASN B 99 0.26 2.38 18.51
N GLU B 100 -0.88 3.02 18.71
CA GLU B 100 -1.52 3.80 17.65
C GLU B 100 -0.65 4.95 17.15
N LYS B 101 0.24 5.46 18.00
CA LYS B 101 1.13 6.53 17.57
C LYS B 101 2.21 6.00 16.65
N LEU B 102 2.57 4.73 16.82
CA LEU B 102 3.62 4.11 16.02
C LEU B 102 3.13 3.66 14.64
N ILE B 103 1.80 3.63 14.46
CA ILE B 103 1.23 3.13 13.21
C ILE B 103 1.41 4.10 12.02
N PRO B 104 1.08 5.40 12.18
CA PRO B 104 1.40 6.31 11.07
C PRO B 104 2.91 6.39 10.79
N ILE B 105 3.71 6.28 11.84
CA ILE B 105 5.17 6.29 11.72
C ILE B 105 5.67 5.05 10.97
N SER B 106 5.06 3.91 11.24
CA SER B 106 5.36 2.68 10.52
C SER B 106 5.06 2.82 9.03
N ARG B 107 3.93 3.44 8.72
CA ARG B 107 3.55 3.70 7.34
C ARG B 107 4.50 4.69 6.68
N GLY B 108 5.18 5.49 7.49
CA GLY B 108 6.07 6.52 6.98
C GLY B 108 5.35 7.81 6.68
N ASP B 109 4.11 7.94 7.16
CA ASP B 109 3.32 9.14 6.93
C ASP B 109 3.66 10.26 7.91
N VAL B 110 4.13 9.88 9.09
CA VAL B 110 4.46 10.86 10.12
C VAL B 110 5.92 10.70 10.55
N LEU B 111 6.66 11.80 10.54
CA LEU B 111 8.04 11.82 10.99
C LEU B 111 8.14 11.45 12.46
N PRO B 112 9.22 10.75 12.83
CA PRO B 112 9.44 10.37 14.23
C PRO B 112 10.03 11.49 15.07
N ASP B 113 9.75 11.46 16.37
CA ASP B 113 10.48 12.29 17.31
C ASP B 113 11.84 11.65 17.55
N ARG B 114 12.90 12.29 17.04
CA ARG B 114 14.25 11.73 17.14
C ARG B 114 14.75 11.60 18.58
N SER B 115 14.03 12.20 19.52
CA SER B 115 14.41 12.10 20.93
C SER B 115 13.77 10.87 21.57
N ILE B 116 12.82 10.26 20.86
CA ILE B 116 12.14 9.06 21.34
C ILE B 116 12.56 7.83 20.54
N PRO B 117 13.41 6.98 21.14
CA PRO B 117 14.01 5.81 20.50
C PRO B 117 13.01 4.94 19.74
N VAL B 118 11.90 4.56 20.36
CA VAL B 118 10.95 3.66 19.72
C VAL B 118 10.39 4.27 18.44
N GLU B 119 10.26 5.58 18.40
CA GLU B 119 9.70 6.24 17.23
C GLU B 119 10.64 6.20 16.03
N TYR B 120 11.90 6.60 16.22
CA TYR B 120 12.80 6.66 15.08
C TYR B 120 13.35 5.28 14.71
N ILE B 121 13.39 4.36 15.67
CA ILE B 121 13.76 2.98 15.36
C ILE B 121 12.73 2.37 14.41
N ILE B 122 11.45 2.55 14.74
CA ILE B 122 10.36 2.05 13.92
C ILE B 122 10.35 2.73 12.55
N TYR B 123 10.48 4.05 12.54
CA TYR B 123 10.49 4.81 11.29
C TYR B 123 11.61 4.38 10.37
N ASP B 124 12.84 4.36 10.88
CA ASP B 124 14.01 4.02 10.08
C ASP B 124 13.96 2.58 9.58
N LEU B 125 13.42 1.69 10.40
CA LEU B 125 13.31 0.28 10.01
C LEU B 125 12.42 0.11 8.78
N TRP B 126 11.18 0.58 8.88
CA TRP B 126 10.21 0.42 7.81
C TRP B 126 10.64 1.15 6.53
N GLU B 127 11.31 2.29 6.70
CA GLU B 127 11.88 2.99 5.55
C GLU B 127 12.90 2.11 4.84
N SER B 128 13.79 1.49 5.62
CA SER B 128 14.82 0.61 5.06
C SER B 128 14.21 -0.62 4.40
N MET B 129 13.09 -1.09 4.92
CA MET B 129 12.44 -2.27 4.35
C MET B 129 11.77 -1.93 3.03
N ARG B 130 11.11 -0.78 2.97
CA ARG B 130 10.48 -0.33 1.73
C ARG B 130 11.54 -0.01 0.67
N ALA B 131 12.71 0.40 1.12
CA ALA B 131 13.82 0.68 0.20
C ALA B 131 14.31 -0.61 -0.46
N HIS B 132 14.31 -1.71 0.29
CA HIS B 132 14.80 -2.98 -0.23
C HIS B 132 13.77 -3.67 -1.11
N ASP B 133 12.51 -3.67 -0.69
CA ASP B 133 11.44 -4.30 -1.43
C ASP B 133 10.12 -3.66 -1.02
N ARG B 134 9.75 -2.61 -1.74
CA ARG B 134 8.58 -1.80 -1.42
C ARG B 134 7.29 -2.61 -1.33
N GLU B 135 7.03 -3.40 -2.36
CA GLU B 135 5.78 -4.15 -2.45
C GLU B 135 5.59 -5.15 -1.32
N MET B 136 6.63 -5.94 -1.04
CA MET B 136 6.53 -6.95 0.00
C MET B 136 6.54 -6.33 1.39
N ALA B 137 7.19 -5.18 1.54
CA ALA B 137 7.24 -4.50 2.83
C ALA B 137 5.88 -3.97 3.23
N ASP B 138 5.18 -3.38 2.26
CA ASP B 138 3.84 -2.82 2.48
C ASP B 138 2.83 -3.88 2.91
N GLU B 139 3.04 -5.10 2.44
CA GLU B 139 2.11 -6.19 2.73
C GLU B 139 2.25 -6.70 4.16
N ILE B 140 3.27 -6.22 4.88
CA ILE B 140 3.47 -6.57 6.28
C ILE B 140 2.75 -5.58 7.19
N LEU B 141 2.49 -4.37 6.70
CA LEU B 141 1.95 -3.29 7.50
C LEU B 141 0.64 -3.62 8.23
N GLU B 142 -0.41 -3.92 7.46
CA GLU B 142 -1.70 -4.22 8.06
C GLU B 142 -1.67 -5.46 8.98
N PRO B 143 -0.94 -6.53 8.60
CA PRO B 143 -0.83 -7.63 9.56
C PRO B 143 -0.15 -7.22 10.88
N VAL B 144 0.79 -6.28 10.83
CA VAL B 144 1.42 -5.79 12.05
C VAL B 144 0.43 -4.96 12.88
N PHE B 145 -0.32 -4.10 12.21
CA PHE B 145 -1.28 -3.24 12.88
C PHE B 145 -2.38 -4.06 13.54
N LEU B 146 -2.78 -5.14 12.85
CA LEU B 146 -3.78 -6.06 13.36
C LEU B 146 -3.31 -6.70 14.68
N PHE B 147 -2.04 -7.10 14.69
CA PHE B 147 -1.40 -7.63 15.89
C PHE B 147 -1.35 -6.60 17.01
N MET B 148 -0.88 -5.39 16.69
CA MET B 148 -0.73 -4.33 17.68
C MET B 148 -2.04 -3.99 18.36
N ARG B 149 -3.12 -3.97 17.58
CA ARG B 149 -4.43 -3.59 18.12
C ARG B 149 -5.06 -4.73 18.90
N ALA B 150 -4.60 -5.95 18.68
CA ALA B 150 -5.08 -7.10 19.44
C ALA B 150 -4.48 -7.10 20.84
N GLN B 151 -3.25 -6.57 20.96
CA GLN B 151 -2.52 -6.56 22.23
C GLN B 151 -3.25 -5.83 23.35
N THR B 152 -4.08 -4.85 22.99
CA THR B 152 -4.78 -4.05 23.98
C THR B 152 -6.29 -4.18 23.83
N ASP B 153 -6.73 -5.19 23.08
CA ASP B 153 -8.14 -5.51 22.92
C ASP B 153 -8.78 -5.81 24.27
N ARG B 154 -9.97 -5.27 24.51
CA ARG B 154 -10.67 -5.43 25.78
C ARG B 154 -11.05 -6.88 26.06
N THR B 155 -11.03 -7.71 25.03
CA THR B 155 -11.42 -9.11 25.18
C THR B 155 -10.44 -9.88 26.06
N ARG B 156 -9.28 -9.28 26.33
CA ARG B 156 -8.30 -9.86 27.23
C ARG B 156 -8.81 -9.87 28.66
N ALA B 157 -9.73 -8.97 28.96
CA ALA B 157 -10.29 -8.85 30.30
C ALA B 157 -11.66 -9.53 30.39
N ARG B 158 -12.02 -10.27 29.35
CA ARG B 158 -13.26 -11.03 29.37
C ARG B 158 -12.98 -12.53 29.44
N PRO B 159 -13.86 -13.29 30.11
CA PRO B 159 -13.70 -14.74 30.20
C PRO B 159 -13.80 -15.38 28.82
N MET B 160 -12.84 -16.25 28.49
CA MET B 160 -12.85 -16.93 27.20
C MET B 160 -12.70 -18.44 27.36
N GLY B 161 -13.37 -19.19 26.49
CA GLY B 161 -13.15 -20.62 26.41
C GLY B 161 -11.96 -20.87 25.50
N LEU B 162 -11.56 -22.13 25.38
CA LEU B 162 -10.40 -22.49 24.58
C LEU B 162 -10.55 -22.07 23.13
N GLY B 163 -11.73 -22.32 22.56
CA GLY B 163 -12.00 -22.01 21.17
C GLY B 163 -11.99 -20.52 20.89
N GLY B 164 -12.66 -19.75 21.75
CA GLY B 164 -12.70 -18.31 21.60
C GLY B 164 -11.33 -17.68 21.78
N TYR B 165 -10.56 -18.23 22.72
CA TYR B 165 -9.22 -17.74 22.99
C TYR B 165 -8.31 -17.90 21.78
N LEU B 166 -8.33 -19.08 21.18
CA LEU B 166 -7.44 -19.38 20.06
C LEU B 166 -7.74 -18.50 18.86
N GLU B 167 -9.02 -18.17 18.68
CA GLU B 167 -9.42 -17.28 17.59
C GLU B 167 -8.87 -15.88 17.81
N TYR B 168 -8.97 -15.40 19.05
CA TYR B 168 -8.38 -14.12 19.42
C TYR B 168 -6.85 -14.16 19.34
N ARG B 169 -6.25 -15.23 19.86
CA ARG B 169 -4.80 -15.28 19.98
C ARG B 169 -4.08 -15.31 18.65
N GLU B 170 -4.78 -15.73 17.59
CA GLU B 170 -4.20 -15.72 16.25
C GLU B 170 -3.72 -14.32 15.88
N ARG B 171 -4.42 -13.31 16.36
CA ARG B 171 -4.02 -11.93 16.11
C ARG B 171 -2.97 -11.47 17.13
N ASP B 172 -3.19 -11.82 18.40
CA ASP B 172 -2.26 -11.42 19.47
C ASP B 172 -0.91 -12.13 19.36
N VAL B 173 -0.89 -13.30 18.72
CA VAL B 173 0.37 -14.03 18.53
C VAL B 173 1.06 -13.58 17.25
N GLY B 174 0.38 -12.74 16.47
CA GLY B 174 0.94 -12.16 15.27
C GLY B 174 1.11 -13.14 14.12
N LYS B 175 0.20 -14.11 14.01
CA LYS B 175 0.29 -15.14 12.99
C LYS B 175 0.42 -14.56 11.59
N GLU B 176 -0.42 -13.56 11.29
CA GLU B 176 -0.42 -12.96 9.97
C GLU B 176 0.85 -12.18 9.70
N LEU B 177 1.34 -11.43 10.69
CA LEU B 177 2.53 -10.64 10.48
C LEU B 177 3.74 -11.55 10.31
N LEU B 178 3.74 -12.68 11.01
CA LEU B 178 4.82 -13.65 10.87
C LEU B 178 4.82 -14.24 9.47
N ALA B 179 3.63 -14.49 8.94
CA ALA B 179 3.49 -15.02 7.58
C ALA B 179 4.01 -14.03 6.55
N ALA B 180 3.58 -12.77 6.66
CA ALA B 180 3.99 -11.73 5.73
C ALA B 180 5.48 -11.42 5.84
N LEU B 181 6.00 -11.45 7.07
CA LEU B 181 7.41 -11.19 7.31
C LEU B 181 8.28 -12.31 6.76
N MET B 182 7.78 -13.54 6.88
CA MET B 182 8.47 -14.71 6.33
C MET B 182 8.61 -14.59 4.82
N ARG B 183 7.49 -14.29 4.17
CA ARG B 183 7.48 -14.15 2.71
C ARG B 183 8.43 -13.05 2.24
N PHE B 184 8.35 -11.90 2.90
CA PHE B 184 9.29 -10.79 2.67
C PHE B 184 10.74 -11.23 2.79
N SER B 185 11.05 -11.90 3.91
CA SER B 185 12.43 -12.27 4.20
C SER B 185 12.96 -13.30 3.20
N MET B 186 12.06 -14.07 2.62
CA MET B 186 12.42 -15.09 1.62
C MET B 186 12.23 -14.59 0.20
N GLY B 187 11.62 -13.43 0.05
CA GLY B 187 11.28 -12.92 -1.27
C GLY B 187 10.25 -13.82 -1.94
N LEU B 188 9.47 -14.53 -1.12
CA LEU B 188 8.48 -15.48 -1.61
C LEU B 188 7.15 -14.80 -1.94
N LYS B 189 6.85 -14.65 -3.22
CA LYS B 189 5.61 -14.02 -3.63
C LYS B 189 4.52 -15.05 -3.89
N LEU B 190 3.33 -14.79 -3.36
CA LEU B 190 2.18 -15.68 -3.57
C LEU B 190 0.99 -14.91 -4.13
N SER B 191 0.21 -15.57 -4.98
CA SER B 191 -0.99 -14.97 -5.54
C SER B 191 -2.12 -14.99 -4.51
N PRO B 192 -3.13 -14.13 -4.69
CA PRO B 192 -4.31 -14.16 -3.81
C PRO B 192 -4.97 -15.53 -3.76
N SER B 193 -4.97 -16.23 -4.89
CA SER B 193 -5.52 -17.58 -4.98
C SER B 193 -4.74 -18.56 -4.11
N GLU B 194 -3.41 -18.46 -4.16
CA GLU B 194 -2.53 -19.31 -3.38
C GLU B 194 -2.69 -19.04 -1.88
N LEU B 195 -2.87 -17.76 -1.54
CA LEU B 195 -3.02 -17.34 -0.15
C LEU B 195 -4.32 -17.84 0.45
N GLN B 196 -5.41 -17.72 -0.31
CA GLN B 196 -6.72 -18.16 0.16
C GLN B 196 -6.76 -19.68 0.29
N ARG B 197 -5.93 -20.35 -0.50
CA ARG B 197 -5.88 -21.80 -0.55
C ARG B 197 -5.39 -22.44 0.74
N VAL B 198 -4.55 -21.72 1.49
CA VAL B 198 -3.91 -22.29 2.67
C VAL B 198 -4.39 -21.69 3.98
N ARG B 199 -5.59 -21.12 3.98
CA ARG B 199 -6.14 -20.49 5.18
C ARG B 199 -6.31 -21.50 6.32
N GLU B 200 -6.70 -22.71 5.97
CA GLU B 200 -6.90 -23.76 6.96
C GLU B 200 -5.57 -24.16 7.59
N ILE B 201 -4.53 -24.24 6.77
CA ILE B 201 -3.19 -24.54 7.24
C ILE B 201 -2.68 -23.44 8.17
N ASP B 202 -2.95 -22.18 7.81
CA ASP B 202 -2.56 -21.04 8.63
C ASP B 202 -3.23 -21.08 10.00
N ALA B 203 -4.53 -21.35 10.01
CA ALA B 203 -5.30 -21.37 11.26
C ALA B 203 -4.80 -22.44 12.21
N ASN B 204 -4.43 -23.58 11.64
CA ASN B 204 -3.89 -24.69 12.42
C ASN B 204 -2.52 -24.35 12.99
N CYS B 205 -1.68 -23.74 12.14
CA CYS B 205 -0.34 -23.33 12.53
C CYS B 205 -0.37 -22.32 13.67
N SER B 206 -1.31 -21.38 13.59
CA SER B 206 -1.49 -20.35 14.60
C SER B 206 -1.72 -20.92 16.00
N LYS B 207 -2.52 -21.99 16.06
CA LYS B 207 -2.82 -22.63 17.34
C LYS B 207 -1.55 -23.20 17.98
N HIS B 208 -0.72 -23.84 17.16
CA HIS B 208 0.55 -24.41 17.60
C HIS B 208 1.48 -23.32 18.15
N LEU B 209 1.64 -22.24 17.40
CA LEU B 209 2.49 -21.12 17.82
C LEU B 209 2.02 -20.55 19.14
N SER B 210 0.70 -20.38 19.27
CA SER B 210 0.11 -19.79 20.45
C SER B 210 0.28 -20.66 21.70
N VAL B 211 -0.08 -21.92 21.60
CA VAL B 211 -0.09 -22.80 22.76
C VAL B 211 1.33 -23.22 23.19
N VAL B 212 2.21 -23.46 22.23
CA VAL B 212 3.60 -23.75 22.58
C VAL B 212 4.19 -22.56 23.33
N ASN B 213 3.89 -21.35 22.86
CA ASN B 213 4.34 -20.16 23.58
C ASN B 213 3.72 -20.06 24.96
N ASP B 214 2.41 -20.31 25.05
CA ASP B 214 1.70 -20.25 26.32
C ASP B 214 2.33 -21.18 27.35
N ILE B 215 2.68 -22.38 26.90
CA ILE B 215 3.28 -23.39 27.76
C ILE B 215 4.59 -22.92 28.39
N TYR B 216 5.50 -22.44 27.55
CA TYR B 216 6.83 -22.08 28.04
C TYR B 216 6.89 -20.71 28.70
N SER B 217 5.96 -19.82 28.36
CA SER B 217 5.98 -18.47 28.90
C SER B 217 5.02 -18.29 30.08
N TYR B 218 4.37 -19.36 30.53
CA TYR B 218 3.37 -19.25 31.58
C TYR B 218 3.93 -18.70 32.90
N GLU B 219 5.08 -19.22 33.32
CA GLU B 219 5.66 -18.80 34.59
C GLU B 219 6.03 -17.33 34.58
N LYS B 220 6.57 -16.87 33.45
CA LYS B 220 6.87 -15.44 33.25
C LYS B 220 5.61 -14.61 33.36
N GLU B 221 4.54 -15.06 32.72
CA GLU B 221 3.32 -14.29 32.64
C GLU B 221 2.50 -14.38 33.93
N LEU B 222 2.67 -15.45 34.69
CA LEU B 222 2.05 -15.57 36.00
C LEU B 222 2.61 -14.50 36.93
N TYR B 223 3.94 -14.37 36.94
CA TYR B 223 4.62 -13.37 37.74
C TYR B 223 4.20 -11.96 37.34
N THR B 224 4.08 -11.74 36.03
CA THR B 224 3.68 -10.45 35.49
C THR B 224 2.28 -10.08 35.96
N SER B 225 1.38 -11.07 36.01
CA SER B 225 0.01 -10.84 36.43
C SER B 225 -0.08 -10.42 37.89
N LYS B 226 0.96 -10.75 38.66
CA LYS B 226 1.00 -10.45 40.09
C LYS B 226 1.72 -9.14 40.42
N THR B 227 2.51 -8.62 39.48
CA THR B 227 3.39 -7.49 39.76
C THR B 227 3.18 -6.29 38.84
N ALA B 228 2.82 -6.54 37.59
CA ALA B 228 2.66 -5.46 36.62
C ALA B 228 1.28 -4.81 36.71
N HIS B 229 0.90 -4.10 35.67
CA HIS B 229 -0.39 -3.41 35.64
C HIS B 229 -1.54 -4.41 35.65
N SER B 230 -2.65 -4.03 36.27
CA SER B 230 -3.79 -4.94 36.44
C SER B 230 -4.46 -5.25 35.10
N GLU B 231 -4.29 -4.37 34.13
CA GLU B 231 -4.85 -4.60 32.80
C GLU B 231 -3.81 -5.13 31.82
N GLY B 232 -2.72 -4.38 31.65
CA GLY B 232 -1.68 -4.76 30.71
C GLY B 232 -0.99 -6.07 31.05
N GLY B 233 -0.94 -6.39 32.34
CA GLY B 233 -0.26 -7.59 32.79
C GLY B 233 -1.20 -8.76 33.03
N ILE B 234 -2.45 -8.60 32.61
CA ILE B 234 -3.49 -9.60 32.88
C ILE B 234 -3.14 -10.96 32.27
N LEU B 235 -3.50 -12.02 32.99
CA LEU B 235 -3.18 -13.37 32.57
C LEU B 235 -4.15 -13.85 31.50
N CYS B 236 -3.64 -14.00 30.28
CA CYS B 236 -4.47 -14.41 29.15
C CYS B 236 -3.78 -15.53 28.39
N THR B 237 -4.09 -16.77 28.74
CA THR B 237 -3.34 -17.90 28.20
C THR B 237 -4.14 -19.20 28.25
N SER B 238 -3.84 -20.09 27.31
CA SER B 238 -4.53 -21.38 27.21
C SER B 238 -4.21 -22.28 28.41
N VAL B 239 -3.05 -22.06 29.01
CA VAL B 239 -2.65 -22.83 30.20
C VAL B 239 -3.62 -22.58 31.35
N GLN B 240 -3.95 -21.31 31.57
CA GLN B 240 -4.86 -20.95 32.66
C GLN B 240 -6.29 -21.39 32.34
N ILE B 241 -6.67 -21.26 31.08
CA ILE B 241 -8.01 -21.64 30.63
C ILE B 241 -8.25 -23.13 30.80
N LEU B 242 -7.31 -23.96 30.37
CA LEU B 242 -7.48 -25.41 30.49
C LEU B 242 -7.42 -25.85 31.94
N ALA B 243 -6.52 -25.25 32.72
CA ALA B 243 -6.43 -25.55 34.14
C ALA B 243 -7.75 -25.29 34.85
N GLN B 244 -8.36 -24.14 34.53
CA GLN B 244 -9.65 -23.77 35.10
C GLN B 244 -10.76 -24.75 34.73
N GLU B 245 -10.88 -25.05 33.45
CA GLU B 245 -11.99 -25.85 32.95
C GLU B 245 -11.85 -27.32 33.34
N ALA B 246 -10.62 -27.80 33.42
CA ALA B 246 -10.37 -29.21 33.72
C ALA B 246 -10.06 -29.43 35.20
N ASP B 247 -9.93 -28.35 35.96
CA ASP B 247 -9.62 -28.40 37.37
C ASP B 247 -8.31 -29.15 37.66
N VAL B 248 -7.24 -28.74 36.99
CA VAL B 248 -5.93 -29.31 37.22
C VAL B 248 -4.92 -28.18 37.41
N THR B 249 -3.71 -28.53 37.85
CA THR B 249 -2.66 -27.53 38.00
C THR B 249 -2.25 -26.99 36.64
N ALA B 250 -1.55 -25.86 36.65
CA ALA B 250 -1.05 -25.28 35.41
C ALA B 250 -0.04 -26.21 34.76
N GLU B 251 0.71 -26.94 35.57
CA GLU B 251 1.71 -27.87 35.07
C GLU B 251 1.07 -29.06 34.37
N ALA B 252 -0.06 -29.51 34.92
CA ALA B 252 -0.83 -30.58 34.29
C ALA B 252 -1.43 -30.10 32.96
N ALA B 253 -1.91 -28.86 32.96
CA ALA B 253 -2.48 -28.27 31.76
C ALA B 253 -1.44 -28.18 30.66
N LYS B 254 -0.20 -27.85 31.04
CA LYS B 254 0.91 -27.80 30.09
C LYS B 254 1.17 -29.14 29.41
N ARG B 255 1.20 -30.21 30.20
CA ARG B 255 1.48 -31.54 29.68
C ARG B 255 0.42 -31.95 28.67
N VAL B 256 -0.84 -31.62 28.98
CA VAL B 256 -1.96 -31.97 28.12
C VAL B 256 -1.96 -31.12 26.84
N LEU B 257 -1.74 -29.82 26.98
CA LEU B 257 -1.69 -28.92 25.84
C LEU B 257 -0.55 -29.28 24.88
N PHE B 258 0.56 -29.74 25.43
CA PHE B 258 1.70 -30.14 24.60
C PHE B 258 1.33 -31.32 23.71
N VAL B 259 0.52 -32.25 24.23
CA VAL B 259 0.04 -33.38 23.43
C VAL B 259 -0.83 -32.86 22.28
N MET B 260 -1.66 -31.86 22.59
CA MET B 260 -2.52 -31.26 21.57
CA MET B 260 -2.52 -31.23 21.59
C MET B 260 -1.68 -30.58 20.49
N CYS B 261 -0.57 -29.97 20.88
CA CYS B 261 0.32 -29.33 19.92
C CYS B 261 0.86 -30.32 18.91
N ARG B 262 1.13 -31.54 19.36
CA ARG B 262 1.62 -32.59 18.47
C ARG B 262 0.51 -33.03 17.53
N GLU B 263 -0.73 -32.92 17.98
CA GLU B 263 -1.87 -33.26 17.12
C GLU B 263 -2.04 -32.21 16.03
N TRP B 264 -1.75 -30.95 16.36
CA TRP B 264 -1.77 -29.90 15.36
C TRP B 264 -0.62 -30.07 14.36
N GLU B 265 0.48 -30.68 14.80
CA GLU B 265 1.59 -30.96 13.90
C GLU B 265 1.20 -32.02 12.88
N LEU B 266 0.54 -33.07 13.37
CA LEU B 266 0.00 -34.12 12.51
C LEU B 266 -0.99 -33.58 11.51
N ARG B 267 -1.87 -32.71 11.99
CA ARG B 267 -2.89 -32.09 11.14
C ARG B 267 -2.26 -31.20 10.08
N HIS B 268 -1.16 -30.53 10.44
CA HIS B 268 -0.41 -29.74 9.46
C HIS B 268 0.06 -30.61 8.31
N GLN B 269 0.63 -31.77 8.63
CA GLN B 269 1.13 -32.70 7.62
C GLN B 269 -0.01 -33.27 6.79
N LEU B 270 -1.14 -33.54 7.43
CA LEU B 270 -2.32 -34.05 6.75
C LEU B 270 -2.87 -33.03 5.75
N LEU B 271 -2.96 -31.76 6.18
CA LEU B 271 -3.48 -30.71 5.33
C LEU B 271 -2.56 -30.44 4.13
N VAL B 272 -1.26 -30.54 4.37
CA VAL B 272 -0.27 -30.32 3.31
C VAL B 272 -0.36 -31.45 2.28
N ALA B 273 -0.45 -32.68 2.76
CA ALA B 273 -0.59 -33.84 1.89
C ALA B 273 -1.86 -33.76 1.07
N ARG B 274 -2.94 -33.28 1.69
CA ARG B 274 -4.22 -33.13 1.02
C ARG B 274 -4.16 -32.04 -0.05
N LEU B 275 -3.50 -30.93 0.27
CA LEU B 275 -3.31 -29.84 -0.68
C LEU B 275 -2.55 -30.34 -1.90
N SER B 276 -1.59 -31.25 -1.65
CA SER B 276 -0.80 -31.83 -2.72
C SER B 276 -1.52 -32.98 -3.41
N ALA B 277 -2.34 -33.72 -2.66
CA ALA B 277 -3.11 -34.82 -3.22
C ALA B 277 -4.13 -34.30 -4.22
N GLU B 278 -4.63 -33.10 -3.95
CA GLU B 278 -5.45 -32.38 -4.91
C GLU B 278 -4.53 -31.77 -5.96
N GLY B 279 -5.02 -30.77 -6.69
CA GLY B 279 -4.18 -30.13 -7.69
C GLY B 279 -3.85 -28.70 -7.30
N LEU B 280 -3.49 -28.49 -6.04
CA LEU B 280 -3.45 -27.15 -5.48
C LEU B 280 -2.10 -26.72 -4.91
N GLU B 281 -1.13 -27.62 -4.83
CA GLU B 281 0.16 -27.28 -4.25
C GLU B 281 1.17 -26.79 -5.29
N THR B 282 1.26 -25.47 -5.43
CA THR B 282 2.24 -24.85 -6.31
C THR B 282 3.61 -24.85 -5.64
N PRO B 283 4.69 -24.66 -6.42
CA PRO B 283 6.03 -24.60 -5.82
C PRO B 283 6.15 -23.47 -4.78
N GLY B 284 5.45 -22.37 -5.01
CA GLY B 284 5.42 -21.27 -4.06
C GLY B 284 4.74 -21.69 -2.77
N LEU B 285 3.63 -22.40 -2.90
CA LEU B 285 2.88 -22.89 -1.74
C LEU B 285 3.68 -23.94 -0.98
N ALA B 286 4.43 -24.75 -1.70
CA ALA B 286 5.28 -25.77 -1.09
C ALA B 286 6.34 -25.11 -0.20
N ALA B 287 6.92 -24.02 -0.69
CA ALA B 287 7.92 -23.29 0.08
C ALA B 287 7.27 -22.63 1.29
N TYR B 288 6.04 -22.15 1.09
CA TYR B 288 5.30 -21.47 2.16
C TYR B 288 4.96 -22.40 3.32
N VAL B 289 4.34 -23.54 3.04
CA VAL B 289 3.89 -24.43 4.10
C VAL B 289 5.08 -25.07 4.82
N GLU B 290 6.18 -25.25 4.10
CA GLU B 290 7.42 -25.71 4.71
C GLU B 290 7.95 -24.64 5.66
N GLY B 291 7.83 -23.38 5.26
CA GLY B 291 8.26 -22.26 6.07
C GLY B 291 7.48 -22.16 7.36
N LEU B 292 6.19 -22.50 7.30
CA LEU B 292 5.33 -22.49 8.48
C LEU B 292 5.77 -23.55 9.49
N GLU B 293 6.23 -24.69 8.98
CA GLU B 293 6.74 -25.75 9.83
C GLU B 293 7.96 -25.25 10.61
N TYR B 294 8.82 -24.49 9.93
CA TYR B 294 10.01 -23.93 10.57
C TYR B 294 9.62 -22.96 11.69
N GLN B 295 8.58 -22.17 11.45
CA GLN B 295 8.06 -21.26 12.47
C GLN B 295 7.65 -22.03 13.72
N MET B 296 6.91 -23.12 13.53
CA MET B 296 6.42 -23.91 14.64
C MET B 296 7.55 -24.58 15.42
N SER B 297 8.42 -25.30 14.72
CA SER B 297 9.50 -26.01 15.38
C SER B 297 10.56 -25.05 15.94
N GLY B 298 10.82 -23.97 15.20
CA GLY B 298 11.80 -22.99 15.62
C GLY B 298 11.40 -22.23 16.86
N ALA B 299 10.14 -21.79 16.89
CA ALA B 299 9.60 -21.12 18.07
C ALA B 299 9.72 -22.01 19.30
N GLU B 300 9.38 -23.28 19.13
CA GLU B 300 9.46 -24.25 20.23
C GLU B 300 10.89 -24.43 20.73
N LEU B 301 11.83 -24.62 19.80
CA LEU B 301 13.23 -24.85 20.16
C LEU B 301 13.76 -23.69 20.99
N TRP B 302 13.56 -22.47 20.50
CA TRP B 302 13.97 -21.27 21.22
C TRP B 302 13.30 -21.14 22.58
N SER B 303 11.99 -21.43 22.63
CA SER B 303 11.22 -21.30 23.86
C SER B 303 11.73 -22.25 24.94
N GLN B 304 12.39 -23.32 24.53
CA GLN B 304 12.92 -24.33 25.45
C GLN B 304 14.22 -23.91 26.13
N THR B 305 14.93 -22.96 25.55
CA THR B 305 16.26 -22.61 26.04
C THR B 305 16.46 -21.13 26.38
N THR B 306 15.56 -20.27 25.92
CA THR B 306 15.71 -18.83 26.16
C THR B 306 15.54 -18.47 27.64
N LEU B 307 16.40 -17.59 28.13
CA LEU B 307 16.33 -17.12 29.52
C LEU B 307 15.09 -16.25 29.75
N ARG B 308 14.48 -15.79 28.67
CA ARG B 308 13.26 -15.01 28.76
C ARG B 308 12.16 -15.77 29.48
N TYR B 309 12.15 -17.10 29.34
CA TYR B 309 11.09 -17.91 29.92
C TYR B 309 11.56 -18.71 31.14
N SER B 310 12.83 -19.08 31.18
CA SER B 310 13.34 -19.91 32.27
C SER B 310 13.62 -19.11 33.53
N VAL B 311 14.11 -17.89 33.36
CA VAL B 311 14.36 -17.00 34.49
C VAL B 311 13.70 -15.64 34.30
N LEU C 8 5.51 -24.62 -25.97
CA LEU C 8 5.25 -24.39 -27.38
C LEU C 8 6.54 -24.54 -28.20
N GLU C 9 6.49 -25.36 -29.23
CA GLU C 9 7.66 -25.59 -30.07
C GLU C 9 7.46 -25.03 -31.47
N PRO C 10 8.04 -23.86 -31.75
CA PRO C 10 7.92 -23.17 -33.03
C PRO C 10 8.65 -23.88 -34.16
N PRO C 11 7.92 -24.26 -35.22
CA PRO C 11 8.55 -24.81 -36.43
C PRO C 11 9.43 -23.77 -37.11
N PRO C 12 10.44 -24.22 -37.86
CA PRO C 12 11.42 -23.34 -38.50
C PRO C 12 10.80 -22.26 -39.37
N SER C 13 11.52 -21.17 -39.58
CA SER C 13 11.04 -20.07 -40.41
C SER C 13 12.20 -19.41 -41.13
N THR C 14 11.94 -18.91 -42.34
CA THR C 14 12.96 -18.24 -43.13
C THR C 14 12.92 -16.73 -42.91
N PHE C 15 11.95 -16.28 -42.11
CA PHE C 15 11.80 -14.85 -41.84
C PHE C 15 12.77 -14.38 -40.76
N GLN C 16 13.63 -13.43 -41.13
CA GLN C 16 14.59 -12.85 -40.19
C GLN C 16 14.07 -11.53 -39.63
N PRO C 17 13.75 -11.52 -38.33
CA PRO C 17 13.20 -10.33 -37.67
C PRO C 17 14.25 -9.24 -37.44
N LEU C 18 13.85 -7.99 -37.66
CA LEU C 18 14.73 -6.85 -37.45
C LEU C 18 14.10 -5.87 -36.46
N CYS C 19 14.94 -5.16 -35.72
CA CYS C 19 14.46 -4.18 -34.77
C CYS C 19 15.01 -2.80 -35.10
N HIS C 20 14.22 -1.77 -34.81
CA HIS C 20 14.65 -0.40 -35.04
C HIS C 20 15.83 -0.06 -34.13
N PRO C 21 16.89 0.54 -34.70
CA PRO C 21 18.13 0.88 -33.99
C PRO C 21 17.92 1.76 -32.77
N LEU C 22 16.87 2.57 -32.78
CA LEU C 22 16.61 3.51 -31.68
C LEU C 22 15.60 2.96 -30.68
N VAL C 23 15.51 1.65 -30.59
CA VAL C 23 14.51 0.99 -29.75
C VAL C 23 14.65 1.38 -28.27
N GLU C 24 15.88 1.46 -27.78
CA GLU C 24 16.10 1.78 -26.37
C GLU C 24 15.73 3.23 -26.05
N GLU C 25 16.14 4.15 -26.92
CA GLU C 25 15.87 5.56 -26.73
C GLU C 25 14.37 5.87 -26.79
N VAL C 26 13.70 5.33 -27.79
CA VAL C 26 12.29 5.65 -28.01
C VAL C 26 11.39 4.93 -27.00
N SER C 27 11.83 3.76 -26.52
CA SER C 27 11.05 3.02 -25.54
C SER C 27 10.99 3.77 -24.23
N LYS C 28 12.12 4.35 -23.83
CA LYS C 28 12.20 5.11 -22.59
C LYS C 28 11.36 6.38 -22.71
N GLU C 29 11.38 6.99 -23.89
CA GLU C 29 10.61 8.20 -24.16
C GLU C 29 9.10 7.95 -24.08
N VAL C 30 8.63 6.92 -24.78
CA VAL C 30 7.20 6.64 -24.86
C VAL C 30 6.65 6.04 -23.56
N ASP C 31 7.37 5.08 -22.98
CA ASP C 31 6.97 4.49 -21.70
C ASP C 31 6.86 5.58 -20.63
N GLY C 32 7.85 6.47 -20.60
CA GLY C 32 7.85 7.58 -19.67
C GLY C 32 6.65 8.48 -19.83
N TYR C 33 6.30 8.77 -21.08
CA TYR C 33 5.14 9.62 -21.38
C TYR C 33 3.86 9.03 -20.82
N PHE C 34 3.65 7.72 -21.03
CA PHE C 34 2.44 7.07 -20.56
C PHE C 34 2.43 6.88 -19.05
N LEU C 35 3.59 6.54 -18.48
CA LEU C 35 3.69 6.41 -17.03
C LEU C 35 3.36 7.73 -16.34
N GLN C 36 3.61 8.83 -17.03
CA GLN C 36 3.36 10.16 -16.52
C GLN C 36 1.90 10.59 -16.68
N HIS C 37 1.28 10.21 -17.79
CA HIS C 37 -0.06 10.70 -18.13
C HIS C 37 -1.18 9.68 -17.96
N TRP C 38 -0.93 8.43 -18.37
CA TRP C 38 -1.96 7.40 -18.31
C TRP C 38 -2.31 7.04 -16.87
N ASN C 39 -3.60 6.90 -16.59
CA ASN C 39 -4.07 6.57 -15.25
C ASN C 39 -4.04 5.08 -14.96
N PHE C 40 -2.89 4.59 -14.49
CA PHE C 40 -2.77 3.20 -14.06
C PHE C 40 -3.39 3.02 -12.69
N PRO C 41 -4.15 1.92 -12.50
CA PRO C 41 -4.89 1.65 -11.27
C PRO C 41 -4.00 1.48 -10.04
N ASN C 42 -2.80 0.93 -10.24
CA ASN C 42 -1.84 0.73 -9.15
C ASN C 42 -0.42 0.58 -9.65
N GLU C 43 0.51 0.37 -8.72
CA GLU C 43 1.92 0.22 -9.06
C GLU C 43 2.19 -1.09 -9.79
N LYS C 44 1.42 -2.12 -9.44
CA LYS C 44 1.56 -3.43 -10.09
C LYS C 44 1.26 -3.32 -11.59
N ALA C 45 0.23 -2.55 -11.92
CA ALA C 45 -0.15 -2.33 -13.31
C ALA C 45 0.91 -1.52 -14.05
N ARG C 46 1.55 -0.59 -13.33
CA ARG C 46 2.60 0.23 -13.92
C ARG C 46 3.79 -0.61 -14.33
N LYS C 47 4.13 -1.60 -13.52
CA LYS C 47 5.21 -2.52 -13.83
C LYS C 47 4.80 -3.50 -14.93
N LYS C 48 3.54 -3.89 -14.91
CA LYS C 48 2.98 -4.76 -15.96
C LYS C 48 3.08 -4.08 -17.32
N PHE C 49 2.82 -2.78 -17.34
CA PHE C 49 2.89 -1.97 -18.56
C PHE C 49 4.31 -1.97 -19.14
N VAL C 50 5.29 -1.71 -18.28
CA VAL C 50 6.68 -1.62 -18.72
C VAL C 50 7.20 -2.98 -19.15
N ALA C 51 6.77 -4.02 -18.44
CA ALA C 51 7.23 -5.38 -18.71
C ALA C 51 6.76 -5.89 -20.07
N ALA C 52 5.68 -5.32 -20.58
CA ALA C 52 5.11 -5.73 -21.86
C ALA C 52 6.03 -5.35 -23.02
N GLY C 53 6.55 -4.12 -22.98
CA GLY C 53 7.45 -3.65 -24.02
C GLY C 53 6.69 -3.27 -25.28
N PHE C 54 5.68 -2.43 -25.11
CA PHE C 54 4.84 -2.00 -26.23
C PHE C 54 5.60 -1.21 -27.28
N SER C 55 6.64 -0.50 -26.85
CA SER C 55 7.46 0.26 -27.80
C SER C 55 8.54 -0.63 -28.42
N ARG C 56 8.86 -1.72 -27.75
CA ARG C 56 9.80 -2.69 -28.30
C ARG C 56 9.17 -3.45 -29.47
N VAL C 57 7.91 -3.83 -29.31
CA VAL C 57 7.23 -4.57 -30.37
C VAL C 57 6.95 -3.65 -31.58
N THR C 58 6.75 -2.36 -31.32
CA THR C 58 6.57 -1.41 -32.41
C THR C 58 7.84 -1.27 -33.22
N CYS C 59 8.98 -1.32 -32.55
CA CYS C 59 10.27 -1.23 -33.23
C CYS C 59 10.58 -2.52 -33.97
N LEU C 60 9.96 -3.61 -33.52
CA LEU C 60 10.03 -4.88 -34.23
C LEU C 60 9.06 -4.88 -35.42
N TYR C 61 7.91 -4.24 -35.24
CA TYR C 61 6.94 -4.09 -36.33
C TYR C 61 7.53 -3.31 -37.48
N PHE C 62 8.07 -2.12 -37.19
CA PHE C 62 8.60 -1.25 -38.22
C PHE C 62 10.06 -0.87 -37.95
N PRO C 63 10.99 -1.82 -38.19
CA PRO C 63 12.41 -1.59 -37.90
C PRO C 63 13.07 -0.61 -38.86
N LYS C 64 12.44 -0.34 -39.99
CA LYS C 64 13.00 0.59 -40.96
C LYS C 64 12.24 1.91 -41.00
N ALA C 65 11.51 2.21 -39.92
CA ALA C 65 10.84 3.49 -39.78
C ALA C 65 11.86 4.63 -39.70
N LEU C 66 11.49 5.80 -40.19
CA LEU C 66 12.35 6.97 -40.11
C LEU C 66 12.58 7.33 -38.64
N ASP C 67 13.79 7.79 -38.32
CA ASP C 67 14.19 8.06 -36.94
C ASP C 67 13.27 9.06 -36.24
N ASP C 68 12.74 10.02 -36.98
CA ASP C 68 11.90 11.05 -36.39
C ASP C 68 10.40 10.77 -36.54
N ARG C 69 10.06 9.52 -36.84
CA ARG C 69 8.65 9.16 -36.98
C ARG C 69 8.32 7.89 -36.21
N ILE C 70 9.35 7.14 -35.83
CA ILE C 70 9.15 5.88 -35.12
C ILE C 70 8.39 6.08 -33.80
N HIS C 71 8.58 7.23 -33.15
CA HIS C 71 7.93 7.46 -31.87
C HIS C 71 6.41 7.63 -32.00
N PHE C 72 5.96 8.16 -33.14
CA PHE C 72 4.53 8.28 -33.40
C PHE C 72 3.85 6.91 -33.37
N ALA C 73 4.48 5.96 -34.06
CA ALA C 73 3.95 4.60 -34.11
C ALA C 73 3.95 3.96 -32.73
N CYS C 74 4.99 4.20 -31.95
CA CYS C 74 5.08 3.63 -30.61
C CYS C 74 3.97 4.15 -29.70
N ARG C 75 3.63 5.43 -29.86
CA ARG C 75 2.59 6.05 -29.05
C ARG C 75 1.20 5.54 -29.43
N LEU C 76 0.95 5.40 -30.72
CA LEU C 76 -0.35 4.95 -31.20
C LEU C 76 -0.62 3.52 -30.77
N LEU C 77 0.33 2.64 -31.01
CA LEU C 77 0.16 1.23 -30.67
C LEU C 77 0.09 1.02 -29.16
N THR C 78 0.81 1.85 -28.41
CA THR C 78 0.81 1.73 -26.95
C THR C 78 -0.58 2.02 -26.39
N VAL C 79 -1.19 3.12 -26.82
CA VAL C 79 -2.50 3.48 -26.30
C VAL C 79 -3.57 2.50 -26.81
N LEU C 80 -3.36 1.93 -27.98
CA LEU C 80 -4.31 0.95 -28.51
C LEU C 80 -4.22 -0.36 -27.71
N PHE C 81 -3.00 -0.76 -27.37
CA PHE C 81 -2.79 -1.92 -26.49
C PHE C 81 -3.49 -1.72 -25.15
N LEU C 82 -3.37 -0.52 -24.59
CA LEU C 82 -3.98 -0.19 -23.30
C LEU C 82 -5.50 -0.25 -23.37
N ILE C 83 -6.07 0.31 -24.43
CA ILE C 83 -7.52 0.29 -24.62
C ILE C 83 -8.00 -1.13 -24.85
N ASP C 84 -7.23 -1.89 -25.62
CA ASP C 84 -7.55 -3.28 -25.92
C ASP C 84 -7.80 -4.09 -24.65
N ASP C 85 -7.02 -3.82 -23.60
CA ASP C 85 -7.17 -4.54 -22.34
C ASP C 85 -8.35 -4.00 -21.52
N LEU C 86 -8.63 -2.71 -21.64
CA LEU C 86 -9.75 -2.10 -20.95
C LEU C 86 -11.07 -2.63 -21.46
N LEU C 87 -11.13 -2.91 -22.76
CA LEU C 87 -12.35 -3.41 -23.40
C LEU C 87 -12.75 -4.79 -22.89
N GLU C 88 -11.78 -5.54 -22.39
CA GLU C 88 -12.02 -6.90 -21.91
C GLU C 88 -12.96 -6.93 -20.70
N TYR C 89 -12.99 -5.84 -19.94
CA TYR C 89 -13.84 -5.77 -18.75
C TYR C 89 -15.10 -4.96 -18.99
N MET C 90 -15.40 -4.72 -20.26
CA MET C 90 -16.61 -3.99 -20.62
C MET C 90 -17.54 -4.87 -21.45
N SER C 91 -18.82 -4.51 -21.48
CA SER C 91 -19.75 -5.14 -22.40
C SER C 91 -19.47 -4.64 -23.81
N PHE C 92 -20.17 -5.19 -24.78
CA PHE C 92 -19.99 -4.78 -26.16
C PHE C 92 -20.52 -3.36 -26.37
N GLU C 93 -21.61 -3.02 -25.70
CA GLU C 93 -22.15 -1.67 -25.77
C GLU C 93 -21.23 -0.66 -25.10
N GLU C 94 -20.71 -1.03 -23.93
CA GLU C 94 -19.80 -0.17 -23.18
C GLU C 94 -18.51 0.07 -23.95
N GLY C 95 -17.95 -1.00 -24.50
CA GLY C 95 -16.73 -0.90 -25.29
C GLY C 95 -16.92 -0.06 -26.53
N SER C 96 -18.10 -0.17 -27.14
CA SER C 96 -18.41 0.58 -28.34
C SER C 96 -18.52 2.07 -28.03
N ALA C 97 -19.29 2.40 -26.99
CA ALA C 97 -19.43 3.78 -26.54
C ALA C 97 -18.08 4.36 -26.18
N TYR C 98 -17.21 3.53 -25.61
CA TYR C 98 -15.87 3.95 -25.24
C TYR C 98 -15.05 4.31 -26.48
N ASN C 99 -15.06 3.42 -27.47
CA ASN C 99 -14.29 3.62 -28.70
C ASN C 99 -14.84 4.75 -29.57
N GLU C 100 -16.17 4.81 -29.70
CA GLU C 100 -16.80 5.78 -30.59
C GLU C 100 -16.54 7.21 -30.15
N LYS C 101 -16.37 7.42 -28.85
CA LYS C 101 -16.10 8.75 -28.31
C LYS C 101 -14.74 9.25 -28.75
N LEU C 102 -13.81 8.33 -28.96
CA LEU C 102 -12.43 8.68 -29.32
C LEU C 102 -12.25 8.92 -30.81
N ILE C 103 -13.26 8.55 -31.60
CA ILE C 103 -13.14 8.63 -33.05
C ILE C 103 -13.18 10.07 -33.59
N PRO C 104 -14.17 10.88 -33.18
CA PRO C 104 -14.08 12.26 -33.66
C PRO C 104 -12.92 13.02 -33.02
N ILE C 105 -12.48 12.58 -31.85
CA ILE C 105 -11.31 13.16 -31.21
C ILE C 105 -10.06 12.84 -32.04
N SER C 106 -9.98 11.60 -32.52
CA SER C 106 -8.88 11.19 -33.39
C SER C 106 -8.84 12.01 -34.68
N ARG C 107 -10.01 12.36 -35.20
CA ARG C 107 -10.11 13.16 -36.41
CA ARG C 107 -10.11 13.15 -36.42
C ARG C 107 -9.72 14.60 -36.16
N GLY C 108 -9.74 15.00 -34.89
CA GLY C 108 -9.44 16.38 -34.51
C GLY C 108 -10.67 17.25 -34.55
N ASP C 109 -11.83 16.62 -34.74
CA ASP C 109 -13.09 17.36 -34.83
C ASP C 109 -13.61 17.78 -33.46
N VAL C 110 -13.22 17.03 -32.43
CA VAL C 110 -13.71 17.27 -31.08
C VAL C 110 -12.55 17.46 -30.11
N LEU C 111 -12.58 18.55 -29.35
CA LEU C 111 -11.58 18.82 -28.33
C LEU C 111 -11.69 17.81 -27.18
N PRO C 112 -10.54 17.40 -26.63
CA PRO C 112 -10.52 16.40 -25.57
C PRO C 112 -10.77 16.98 -24.18
N ASP C 113 -11.43 16.21 -23.33
CA ASP C 113 -11.49 16.52 -21.91
C ASP C 113 -10.12 16.22 -21.32
N ARG C 114 -9.35 17.27 -21.03
CA ARG C 114 -7.96 17.07 -20.60
C ARG C 114 -7.84 16.52 -19.18
N SER C 115 -8.99 16.30 -18.54
CA SER C 115 -9.01 15.58 -17.26
C SER C 115 -9.03 14.07 -17.52
N ILE C 116 -9.42 13.69 -18.73
CA ILE C 116 -9.41 12.29 -19.14
C ILE C 116 -8.19 12.00 -20.01
N PRO C 117 -7.20 11.30 -19.43
CA PRO C 117 -5.92 10.97 -20.10
C PRO C 117 -6.08 10.39 -21.50
N VAL C 118 -6.95 9.39 -21.65
CA VAL C 118 -7.09 8.72 -22.94
C VAL C 118 -7.53 9.70 -24.03
N GLU C 119 -8.31 10.71 -23.64
CA GLU C 119 -8.84 11.66 -24.60
C GLU C 119 -7.79 12.63 -25.13
N TYR C 120 -6.97 13.21 -24.26
CA TYR C 120 -6.00 14.19 -24.75
C TYR C 120 -4.76 13.49 -25.31
N ILE C 121 -4.47 12.28 -24.81
CA ILE C 121 -3.41 11.48 -25.39
C ILE C 121 -3.72 11.19 -26.85
N ILE C 122 -4.96 10.78 -27.13
CA ILE C 122 -5.40 10.52 -28.49
C ILE C 122 -5.40 11.79 -29.35
N TYR C 123 -5.97 12.86 -28.80
CA TYR C 123 -6.05 14.13 -29.53
C TYR C 123 -4.67 14.69 -29.87
N ASP C 124 -3.81 14.81 -28.87
CA ASP C 124 -2.48 15.40 -29.06
C ASP C 124 -1.66 14.57 -30.06
N LEU C 125 -1.79 13.25 -29.98
CA LEU C 125 -1.05 12.34 -30.83
C LEU C 125 -1.41 12.53 -32.30
N TRP C 126 -2.70 12.47 -32.61
CA TRP C 126 -3.15 12.58 -33.99
C TRP C 126 -2.87 13.95 -34.57
N GLU C 127 -3.06 14.99 -33.75
CA GLU C 127 -2.76 16.35 -34.18
C GLU C 127 -1.28 16.48 -34.52
N SER C 128 -0.41 15.85 -33.72
CA SER C 128 1.03 15.92 -33.97
C SER C 128 1.42 15.12 -35.21
N MET C 129 0.70 14.03 -35.48
CA MET C 129 0.98 13.22 -36.65
C MET C 129 0.60 13.97 -37.93
N ARG C 130 -0.55 14.64 -37.90
CA ARG C 130 -0.99 15.45 -39.04
C ARG C 130 -0.06 16.64 -39.28
N ALA C 131 0.54 17.16 -38.20
CA ALA C 131 1.46 18.27 -38.31
C ALA C 131 2.74 17.84 -39.02
N HIS C 132 3.18 16.61 -38.75
CA HIS C 132 4.39 16.06 -39.35
C HIS C 132 4.17 15.63 -40.80
N ASP C 133 3.08 14.92 -41.04
CA ASP C 133 2.73 14.45 -42.38
C ASP C 133 1.22 14.28 -42.47
N ARG C 134 0.54 15.30 -42.98
CA ARG C 134 -0.92 15.35 -42.92
C ARG C 134 -1.56 14.28 -43.81
N GLU C 135 -1.07 14.15 -45.04
CA GLU C 135 -1.68 13.22 -45.98
C GLU C 135 -1.54 11.77 -45.52
N MET C 136 -0.35 11.40 -45.04
CA MET C 136 -0.12 10.03 -44.60
C MET C 136 -0.81 9.72 -43.28
N ALA C 137 -0.94 10.72 -42.42
CA ALA C 137 -1.61 10.53 -41.14
C ALA C 137 -3.11 10.28 -41.34
N ASP C 138 -3.71 11.01 -42.27
CA ASP C 138 -5.13 10.89 -42.56
C ASP C 138 -5.49 9.51 -43.08
N GLU C 139 -4.54 8.88 -43.75
CA GLU C 139 -4.78 7.56 -44.36
C GLU C 139 -4.71 6.45 -43.32
N ILE C 140 -4.44 6.81 -42.06
CA ILE C 140 -4.42 5.84 -40.97
C ILE C 140 -5.74 5.83 -40.20
N LEU C 141 -6.49 6.94 -40.30
CA LEU C 141 -7.69 7.15 -39.50
C LEU C 141 -8.74 6.05 -39.67
N GLU C 142 -9.33 5.95 -40.86
CA GLU C 142 -10.37 4.95 -41.11
C GLU C 142 -9.92 3.50 -40.83
N PRO C 143 -8.67 3.15 -41.21
CA PRO C 143 -8.22 1.80 -40.80
C PRO C 143 -8.22 1.59 -39.30
N VAL C 144 -7.91 2.63 -38.52
CA VAL C 144 -7.97 2.52 -37.07
C VAL C 144 -9.43 2.34 -36.63
N PHE C 145 -10.31 3.17 -37.18
CA PHE C 145 -11.71 3.15 -36.81
C PHE C 145 -12.36 1.80 -37.16
N LEU C 146 -11.93 1.23 -38.28
CA LEU C 146 -12.39 -0.09 -38.71
C LEU C 146 -12.02 -1.16 -37.69
N PHE C 147 -10.81 -1.02 -37.14
CA PHE C 147 -10.30 -1.95 -36.13
C PHE C 147 -11.04 -1.81 -34.81
N MET C 148 -11.26 -0.56 -34.40
CA MET C 148 -11.96 -0.28 -33.14
C MET C 148 -13.38 -0.83 -33.14
N ARG C 149 -14.05 -0.75 -34.28
CA ARG C 149 -15.43 -1.20 -34.37
C ARG C 149 -15.52 -2.72 -34.42
N ALA C 150 -14.44 -3.36 -34.88
CA ALA C 150 -14.35 -4.82 -34.89
C ALA C 150 -14.19 -5.35 -33.46
N GLN C 151 -13.54 -4.57 -32.61
CA GLN C 151 -13.22 -5.00 -31.25
C GLN C 151 -14.46 -5.33 -30.42
N THR C 152 -15.56 -4.64 -30.71
CA THR C 152 -16.78 -4.81 -29.94
C THR C 152 -17.90 -5.39 -30.79
N ASP C 153 -17.53 -5.96 -31.93
CA ASP C 153 -18.49 -6.60 -32.83
C ASP C 153 -19.08 -7.82 -32.14
N ARG C 154 -20.41 -7.93 -32.16
CA ARG C 154 -21.11 -9.01 -31.48
C ARG C 154 -20.84 -10.36 -32.17
N THR C 155 -20.22 -10.33 -33.34
CA THR C 155 -19.87 -11.56 -34.04
C THR C 155 -18.83 -12.37 -33.26
N ARG C 156 -18.21 -11.74 -32.27
CA ARG C 156 -17.27 -12.41 -31.39
C ARG C 156 -17.94 -13.45 -30.50
N ALA C 157 -19.24 -13.27 -30.27
CA ALA C 157 -19.99 -14.16 -29.39
C ALA C 157 -20.85 -15.15 -30.16
N ARG C 158 -20.69 -15.15 -31.48
CA ARG C 158 -21.47 -16.06 -32.33
C ARG C 158 -20.56 -17.08 -32.99
N PRO C 159 -21.11 -18.28 -33.28
CA PRO C 159 -20.32 -19.36 -33.91
C PRO C 159 -19.63 -18.92 -35.20
N MET C 160 -18.36 -19.27 -35.33
CA MET C 160 -17.60 -18.95 -36.53
C MET C 160 -16.70 -20.11 -36.95
N GLY C 161 -16.52 -20.29 -38.25
CA GLY C 161 -15.56 -21.24 -38.75
C GLY C 161 -14.22 -20.55 -38.90
N LEU C 162 -13.19 -21.30 -39.28
CA LEU C 162 -11.85 -20.75 -39.42
C LEU C 162 -11.81 -19.64 -40.47
N GLY C 163 -12.49 -19.86 -41.59
CA GLY C 163 -12.50 -18.90 -42.68
C GLY C 163 -13.24 -17.62 -42.34
N GLY C 164 -14.39 -17.76 -41.69
CA GLY C 164 -15.16 -16.60 -41.26
C GLY C 164 -14.42 -15.81 -40.20
N TYR C 165 -13.68 -16.52 -39.35
CA TYR C 165 -12.91 -15.89 -38.29
C TYR C 165 -11.77 -15.04 -38.85
N LEU C 166 -10.97 -15.63 -39.74
CA LEU C 166 -9.83 -14.95 -40.32
C LEU C 166 -10.25 -13.69 -41.07
N GLU C 167 -11.44 -13.72 -41.66
CA GLU C 167 -11.98 -12.57 -42.35
C GLU C 167 -12.33 -11.46 -41.35
N TYR C 168 -12.91 -11.84 -40.22
CA TYR C 168 -13.21 -10.89 -39.17
C TYR C 168 -11.93 -10.39 -38.49
N ARG C 169 -11.00 -11.31 -38.25
CA ARG C 169 -9.81 -10.98 -37.48
C ARG C 169 -8.88 -10.04 -38.21
N GLU C 170 -9.01 -9.95 -39.53
CA GLU C 170 -8.21 -9.00 -40.30
C GLU C 170 -8.48 -7.57 -39.82
N ARG C 171 -9.71 -7.32 -39.38
CA ARG C 171 -10.07 -6.03 -38.83
C ARG C 171 -9.69 -5.94 -37.36
N ASP C 172 -9.97 -7.00 -36.60
CA ASP C 172 -9.70 -7.02 -35.17
C ASP C 172 -8.21 -7.02 -34.84
N VAL C 173 -7.39 -7.54 -35.74
CA VAL C 173 -5.94 -7.53 -35.55
C VAL C 173 -5.33 -6.23 -36.08
N GLY C 174 -6.16 -5.42 -36.71
CA GLY C 174 -5.74 -4.12 -37.22
C GLY C 174 -4.70 -4.18 -38.33
N LYS C 175 -4.87 -5.14 -39.24
CA LYS C 175 -3.94 -5.29 -40.36
C LYS C 175 -3.81 -4.02 -41.18
N GLU C 176 -4.96 -3.38 -41.44
CA GLU C 176 -4.99 -2.21 -42.30
C GLU C 176 -4.34 -0.99 -41.66
N LEU C 177 -4.57 -0.79 -40.36
CA LEU C 177 -3.96 0.35 -39.69
C LEU C 177 -2.46 0.15 -39.55
N LEU C 178 -2.04 -1.09 -39.32
CA LEU C 178 -0.62 -1.40 -39.20
C LEU C 178 0.10 -1.15 -40.53
N ALA C 179 -0.59 -1.45 -41.63
CA ALA C 179 -0.04 -1.20 -42.96
C ALA C 179 0.12 0.30 -43.20
N ALA C 180 -0.93 1.06 -42.88
CA ALA C 180 -0.92 2.50 -43.07
C ALA C 180 0.04 3.19 -42.11
N LEU C 181 0.19 2.62 -40.91
CA LEU C 181 1.10 3.16 -39.91
C LEU C 181 2.55 2.90 -40.33
N MET C 182 2.81 1.72 -40.86
CA MET C 182 4.14 1.37 -41.36
C MET C 182 4.57 2.34 -42.45
N ARG C 183 3.68 2.56 -43.41
CA ARG C 183 3.96 3.47 -44.51
C ARG C 183 4.21 4.89 -44.01
N PHE C 184 3.37 5.32 -43.06
CA PHE C 184 3.54 6.63 -42.43
C PHE C 184 4.91 6.76 -41.79
N SER C 185 5.31 5.73 -41.05
CA SER C 185 6.55 5.77 -40.28
C SER C 185 7.78 5.73 -41.18
N MET C 186 7.63 5.15 -42.37
CA MET C 186 8.74 5.04 -43.30
C MET C 186 8.70 6.15 -44.35
N GLY C 187 7.63 6.93 -44.33
CA GLY C 187 7.40 7.94 -45.35
C GLY C 187 7.23 7.29 -46.71
N LEU C 188 6.71 6.06 -46.70
CA LEU C 188 6.58 5.26 -47.91
C LEU C 188 5.22 5.49 -48.58
N LYS C 189 5.22 6.28 -49.66
CA LYS C 189 3.99 6.58 -50.38
C LYS C 189 3.76 5.61 -51.52
N LEU C 190 2.54 5.07 -51.59
CA LEU C 190 2.17 4.14 -52.64
C LEU C 190 0.93 4.62 -53.37
N SER C 191 0.94 4.51 -54.70
CA SER C 191 -0.20 4.90 -55.52
C SER C 191 -1.35 3.94 -55.29
N PRO C 192 -2.59 4.37 -55.59
CA PRO C 192 -3.74 3.48 -55.48
C PRO C 192 -3.54 2.19 -56.29
N SER C 193 -2.92 2.31 -57.46
CA SER C 193 -2.64 1.15 -58.29
C SER C 193 -1.66 0.19 -57.62
N GLU C 194 -0.66 0.75 -56.95
CA GLU C 194 0.33 -0.07 -56.25
C GLU C 194 -0.30 -0.83 -55.09
N LEU C 195 -1.19 -0.18 -54.35
CA LEU C 195 -1.86 -0.81 -53.23
C LEU C 195 -2.79 -1.94 -53.68
N GLN C 196 -3.40 -1.76 -54.86
CA GLN C 196 -4.29 -2.77 -55.41
C GLN C 196 -3.51 -4.03 -55.82
N ARG C 197 -2.28 -3.85 -56.27
CA ARG C 197 -1.45 -4.97 -56.69
C ARG C 197 -1.10 -5.92 -55.55
N VAL C 198 -0.91 -5.36 -54.35
CA VAL C 198 -0.46 -6.15 -53.21
C VAL C 198 -1.60 -6.50 -52.26
N ARG C 199 -2.84 -6.39 -52.72
CA ARG C 199 -4.00 -6.68 -51.89
C ARG C 199 -4.01 -8.14 -51.45
N GLU C 200 -3.63 -9.04 -52.36
CA GLU C 200 -3.60 -10.47 -52.06
C GLU C 200 -2.48 -10.79 -51.06
N ILE C 201 -1.36 -10.07 -51.17
CA ILE C 201 -0.27 -10.22 -50.22
C ILE C 201 -0.69 -9.73 -48.83
N ASP C 202 -1.43 -8.63 -48.79
CA ASP C 202 -1.93 -8.08 -47.53
C ASP C 202 -2.83 -9.07 -46.80
N ALA C 203 -3.78 -9.65 -47.53
CA ALA C 203 -4.74 -10.60 -46.93
C ALA C 203 -4.02 -11.82 -46.34
N ASN C 204 -3.00 -12.30 -47.04
CA ASN C 204 -2.22 -13.43 -46.56
C ASN C 204 -1.44 -13.09 -45.30
N CYS C 205 -0.83 -11.91 -45.30
CA CYS C 205 -0.07 -11.42 -44.15
C CYS C 205 -0.95 -11.28 -42.91
N SER C 206 -2.18 -10.81 -43.11
CA SER C 206 -3.12 -10.65 -42.02
C SER C 206 -3.41 -11.96 -41.29
N LYS C 207 -3.49 -13.05 -42.04
CA LYS C 207 -3.76 -14.35 -41.45
C LYS C 207 -2.60 -14.79 -40.55
N HIS C 208 -1.39 -14.50 -41.00
CA HIS C 208 -0.19 -14.82 -40.23
C HIS C 208 -0.16 -14.04 -38.92
N LEU C 209 -0.38 -12.73 -39.00
CA LEU C 209 -0.38 -11.87 -37.82
C LEU C 209 -1.46 -12.30 -36.84
N SER C 210 -2.63 -12.68 -37.38
CA SER C 210 -3.77 -13.05 -36.55
C SER C 210 -3.52 -14.34 -35.77
N VAL C 211 -3.05 -15.37 -36.46
CA VAL C 211 -2.92 -16.70 -35.86
C VAL C 211 -1.69 -16.82 -34.97
N VAL C 212 -0.56 -16.26 -35.40
CA VAL C 212 0.64 -16.24 -34.58
C VAL C 212 0.34 -15.59 -33.23
N ASN C 213 -0.40 -14.50 -33.25
CA ASN C 213 -0.82 -13.86 -32.00
C ASN C 213 -1.75 -14.77 -31.20
N ASP C 214 -2.70 -15.40 -31.89
CA ASP C 214 -3.65 -16.30 -31.25
C ASP C 214 -2.93 -17.43 -30.51
N ILE C 215 -1.85 -17.92 -31.11
CA ILE C 215 -1.10 -19.04 -30.54
C ILE C 215 -0.41 -18.65 -29.24
N TYR C 216 0.37 -17.58 -29.26
CA TYR C 216 1.15 -17.17 -28.11
C TYR C 216 0.30 -16.49 -27.04
N SER C 217 -0.82 -15.90 -27.44
CA SER C 217 -1.64 -15.16 -26.50
C SER C 217 -2.86 -15.95 -26.04
N TYR C 218 -2.89 -17.24 -26.34
CA TYR C 218 -4.02 -18.07 -25.98
C TYR C 218 -4.13 -18.23 -24.46
N GLU C 219 -3.00 -18.48 -23.81
CA GLU C 219 -2.98 -18.66 -22.35
C GLU C 219 -3.57 -17.45 -21.66
N LYS C 220 -3.16 -16.26 -22.11
CA LYS C 220 -3.65 -14.99 -21.57
C LYS C 220 -5.16 -14.86 -21.74
N GLU C 221 -5.64 -15.07 -22.97
CA GLU C 221 -7.05 -14.85 -23.28
C GLU C 221 -7.94 -15.95 -22.68
N LEU C 222 -7.37 -17.13 -22.50
CA LEU C 222 -8.08 -18.21 -21.81
C LEU C 222 -8.39 -17.79 -20.38
N TYR C 223 -7.38 -17.33 -19.67
CA TYR C 223 -7.53 -16.86 -18.30
C TYR C 223 -8.52 -15.71 -18.21
N THR C 224 -8.48 -14.82 -19.20
CA THR C 224 -9.39 -13.68 -19.25
C THR C 224 -10.85 -14.13 -19.37
N SER C 225 -11.08 -15.15 -20.18
CA SER C 225 -12.44 -15.63 -20.44
C SER C 225 -13.11 -16.19 -19.20
N LYS C 226 -12.32 -16.73 -18.28
CA LYS C 226 -12.86 -17.37 -17.09
C LYS C 226 -12.80 -16.47 -15.86
N THR C 227 -12.36 -15.23 -16.03
CA THR C 227 -12.23 -14.31 -14.90
C THR C 227 -12.86 -12.94 -15.16
N ALA C 228 -12.65 -12.39 -16.35
CA ALA C 228 -13.09 -11.04 -16.66
C ALA C 228 -14.57 -10.95 -17.02
N HIS C 229 -14.90 -9.98 -17.88
CA HIS C 229 -16.28 -9.76 -18.30
C HIS C 229 -16.73 -10.82 -19.28
N SER C 230 -18.01 -11.17 -19.24
CA SER C 230 -18.56 -12.23 -20.09
C SER C 230 -18.50 -11.88 -21.57
N GLU C 231 -18.69 -10.60 -21.90
CA GLU C 231 -18.69 -10.19 -23.30
C GLU C 231 -17.31 -9.75 -23.78
N GLY C 232 -16.76 -8.72 -23.16
CA GLY C 232 -15.46 -8.21 -23.54
C GLY C 232 -14.34 -9.21 -23.37
N GLY C 233 -14.54 -10.18 -22.50
CA GLY C 233 -13.52 -11.18 -22.23
C GLY C 233 -13.77 -12.52 -22.90
N ILE C 234 -14.82 -12.60 -23.71
CA ILE C 234 -15.20 -13.87 -24.34
C ILE C 234 -14.08 -14.40 -25.23
N LEU C 235 -13.97 -15.72 -25.29
CA LEU C 235 -12.90 -16.36 -26.04
C LEU C 235 -13.21 -16.43 -27.54
N CYS C 236 -12.49 -15.63 -28.32
CA CYS C 236 -12.65 -15.61 -29.76
C CYS C 236 -11.27 -15.71 -30.42
N THR C 237 -10.88 -16.93 -30.79
CA THR C 237 -9.55 -17.17 -31.31
C THR C 237 -9.48 -18.43 -32.17
N SER C 238 -8.55 -18.45 -33.11
CA SER C 238 -8.39 -19.58 -34.03
C SER C 238 -7.99 -20.86 -33.30
N VAL C 239 -7.31 -20.71 -32.17
CA VAL C 239 -6.85 -21.85 -31.38
C VAL C 239 -8.02 -22.69 -30.87
N GLN C 240 -9.07 -22.01 -30.40
CA GLN C 240 -10.21 -22.71 -29.84
C GLN C 240 -11.21 -23.08 -30.93
N ILE C 241 -11.12 -22.42 -32.08
CA ILE C 241 -11.98 -22.75 -33.21
C ILE C 241 -11.52 -24.05 -33.87
N LEU C 242 -10.22 -24.16 -34.11
CA LEU C 242 -9.65 -25.37 -34.67
C LEU C 242 -9.79 -26.54 -33.70
N ALA C 243 -9.61 -26.26 -32.41
CA ALA C 243 -9.72 -27.28 -31.38
C ALA C 243 -11.13 -27.82 -31.28
N GLN C 244 -12.12 -26.96 -31.53
CA GLN C 244 -13.52 -27.35 -31.44
C GLN C 244 -13.97 -28.14 -32.66
N GLU C 245 -13.52 -27.72 -33.84
CA GLU C 245 -13.96 -28.36 -35.07
C GLU C 245 -13.18 -29.64 -35.39
N ALA C 246 -12.02 -29.81 -34.74
CA ALA C 246 -11.20 -30.99 -34.96
C ALA C 246 -11.20 -31.91 -33.74
N ASP C 247 -11.93 -31.49 -32.69
CA ASP C 247 -12.02 -32.24 -31.45
C ASP C 247 -10.65 -32.60 -30.86
N VAL C 248 -9.80 -31.59 -30.71
CA VAL C 248 -8.49 -31.78 -30.11
C VAL C 248 -8.25 -30.79 -28.98
N THR C 249 -7.05 -30.84 -28.39
CA THR C 249 -6.70 -29.91 -27.33
C THR C 249 -6.16 -28.61 -27.90
N ALA C 250 -6.05 -27.60 -27.04
CA ALA C 250 -5.52 -26.30 -27.44
C ALA C 250 -4.07 -26.43 -27.88
N GLU C 251 -3.30 -27.23 -27.16
CA GLU C 251 -1.89 -27.48 -27.49
C GLU C 251 -1.77 -28.17 -28.84
N ALA C 252 -2.73 -29.04 -29.15
CA ALA C 252 -2.76 -29.74 -30.42
C ALA C 252 -3.05 -28.75 -31.54
N ALA C 253 -4.04 -27.89 -31.33
CA ALA C 253 -4.40 -26.88 -32.31
C ALA C 253 -3.26 -25.89 -32.56
N LYS C 254 -2.53 -25.55 -31.50
CA LYS C 254 -1.42 -24.61 -31.62
C LYS C 254 -0.33 -25.12 -32.56
N ARG C 255 0.02 -26.39 -32.41
CA ARG C 255 1.06 -26.99 -33.25
C ARG C 255 0.60 -27.06 -34.71
N VAL C 256 -0.69 -27.31 -34.92
CA VAL C 256 -1.25 -27.37 -36.25
C VAL C 256 -1.30 -25.99 -36.90
N LEU C 257 -1.83 -25.02 -36.16
CA LEU C 257 -1.91 -23.64 -36.63
C LEU C 257 -0.52 -23.08 -36.93
N PHE C 258 0.47 -23.53 -36.17
CA PHE C 258 1.84 -23.08 -36.36
C PHE C 258 2.38 -23.51 -37.72
N VAL C 259 2.05 -24.73 -38.12
CA VAL C 259 2.43 -25.23 -39.43
C VAL C 259 1.73 -24.42 -40.53
N MET C 260 0.48 -24.06 -40.29
CA MET C 260 -0.29 -23.27 -41.25
CA MET C 260 -0.28 -23.28 -41.25
C MET C 260 0.33 -21.88 -41.42
N CYS C 261 0.86 -21.34 -40.32
CA CYS C 261 1.51 -20.03 -40.38
C CYS C 261 2.72 -20.05 -41.28
N ARG C 262 3.47 -21.15 -41.24
CA ARG C 262 4.66 -21.29 -42.09
C ARG C 262 4.27 -21.41 -43.55
N GLU C 263 3.10 -22.01 -43.81
CA GLU C 263 2.59 -22.11 -45.17
C GLU C 263 2.24 -20.72 -45.69
N TRP C 264 1.67 -19.89 -44.83
CA TRP C 264 1.37 -18.50 -45.20
C TRP C 264 2.65 -17.72 -45.49
N GLU C 265 3.73 -18.07 -44.79
CA GLU C 265 5.04 -17.49 -45.04
C GLU C 265 5.54 -17.88 -46.43
N LEU C 266 5.35 -19.15 -46.78
CA LEU C 266 5.73 -19.64 -48.10
C LEU C 266 4.90 -18.97 -49.17
N ARG C 267 3.60 -18.85 -48.92
CA ARG C 267 2.70 -18.20 -49.86
C ARG C 267 3.10 -16.74 -50.08
N HIS C 268 3.50 -16.08 -48.99
CA HIS C 268 3.98 -14.70 -49.08
C HIS C 268 5.14 -14.57 -50.05
N GLN C 269 6.12 -15.45 -49.90
CA GLN C 269 7.30 -15.44 -50.75
C GLN C 269 6.95 -15.75 -52.20
N LEU C 270 5.99 -16.65 -52.39
CA LEU C 270 5.56 -17.04 -53.72
C LEU C 270 4.83 -15.89 -54.43
N LEU C 271 4.00 -15.18 -53.68
CA LEU C 271 3.25 -14.05 -54.24
C LEU C 271 4.18 -12.91 -54.62
N VAL C 272 5.14 -12.62 -53.74
CA VAL C 272 6.15 -11.59 -54.03
C VAL C 272 6.98 -11.99 -55.24
N ALA C 273 7.36 -13.27 -55.30
CA ALA C 273 8.14 -13.79 -56.42
C ALA C 273 7.41 -13.59 -57.74
N ARG C 274 6.10 -13.87 -57.76
CA ARG C 274 5.31 -13.69 -58.97
C ARG C 274 5.18 -12.21 -59.30
N LEU C 275 4.96 -11.39 -58.28
CA LEU C 275 4.86 -9.94 -58.46
C LEU C 275 6.14 -9.41 -59.11
N SER C 276 7.28 -9.93 -58.68
CA SER C 276 8.57 -9.54 -59.24
C SER C 276 8.83 -10.25 -60.58
N ALA C 277 8.20 -11.40 -60.77
CA ALA C 277 8.34 -12.14 -62.02
C ALA C 277 7.84 -11.29 -63.18
N GLU C 278 6.63 -10.77 -63.05
CA GLU C 278 6.16 -9.72 -63.95
C GLU C 278 6.86 -8.43 -63.55
N GLY C 279 6.86 -7.44 -64.43
CA GLY C 279 7.49 -6.18 -64.10
C GLY C 279 6.59 -5.31 -63.25
N LEU C 280 6.08 -5.88 -62.16
CA LEU C 280 5.05 -5.21 -61.36
C LEU C 280 5.53 -4.76 -59.98
N GLU C 281 6.67 -5.28 -59.52
CA GLU C 281 7.19 -4.88 -58.23
C GLU C 281 8.03 -3.61 -58.34
N THR C 282 7.40 -2.47 -58.07
CA THR C 282 8.07 -1.19 -58.05
C THR C 282 8.98 -1.10 -56.83
N PRO C 283 9.95 -0.16 -56.83
CA PRO C 283 10.80 0.05 -55.66
C PRO C 283 10.01 0.30 -54.37
N GLY C 284 8.91 1.05 -54.47
CA GLY C 284 8.06 1.30 -53.32
C GLY C 284 7.37 0.02 -52.86
N LEU C 285 6.94 -0.78 -53.82
CA LEU C 285 6.30 -2.06 -53.52
C LEU C 285 7.30 -3.04 -52.93
N ALA C 286 8.54 -2.99 -53.39
CA ALA C 286 9.59 -3.85 -52.84
C ALA C 286 9.82 -3.55 -51.36
N ALA C 287 9.84 -2.26 -51.03
CA ALA C 287 10.01 -1.84 -49.64
C ALA C 287 8.80 -2.22 -48.80
N TYR C 288 7.62 -2.14 -49.40
CA TYR C 288 6.38 -2.42 -48.67
C TYR C 288 6.24 -3.90 -48.29
N VAL C 289 6.52 -4.79 -49.22
CA VAL C 289 6.36 -6.21 -48.97
C VAL C 289 7.45 -6.73 -48.03
N GLU C 290 8.61 -6.08 -48.06
CA GLU C 290 9.67 -6.38 -47.11
C GLU C 290 9.25 -5.94 -45.71
N GLY C 291 8.56 -4.81 -45.64
CA GLY C 291 8.09 -4.29 -44.37
C GLY C 291 7.03 -5.19 -43.76
N LEU C 292 6.23 -5.82 -44.59
CA LEU C 292 5.22 -6.76 -44.12
C LEU C 292 5.87 -7.99 -43.49
N GLU C 293 7.00 -8.41 -44.05
CA GLU C 293 7.74 -9.54 -43.51
C GLU C 293 8.28 -9.23 -42.12
N TYR C 294 8.76 -8.00 -41.94
CA TYR C 294 9.22 -7.53 -40.65
C TYR C 294 8.08 -7.55 -39.62
N GLN C 295 6.88 -7.17 -40.05
CA GLN C 295 5.72 -7.20 -39.17
C GLN C 295 5.45 -8.62 -38.69
N MET C 296 5.49 -9.56 -39.62
CA MET C 296 5.19 -10.96 -39.32
C MET C 296 6.26 -11.59 -38.42
N SER C 297 7.52 -11.37 -38.77
CA SER C 297 8.63 -11.94 -38.00
C SER C 297 8.83 -11.21 -36.67
N GLY C 298 8.67 -9.89 -36.69
CA GLY C 298 8.83 -9.08 -35.50
C GLY C 298 7.77 -9.38 -34.45
N ALA C 299 6.54 -9.57 -34.89
CA ALA C 299 5.44 -9.88 -33.98
C ALA C 299 5.67 -11.22 -33.27
N GLU C 300 6.19 -12.20 -34.02
CA GLU C 300 6.43 -13.52 -33.46
C GLU C 300 7.57 -13.49 -32.45
N LEU C 301 8.66 -12.81 -32.80
CA LEU C 301 9.82 -12.67 -31.91
C LEU C 301 9.41 -12.06 -30.58
N TRP C 302 8.61 -11.00 -30.64
CA TRP C 302 8.14 -10.32 -29.44
C TRP C 302 7.19 -11.19 -28.63
N SER C 303 6.32 -11.91 -29.32
CA SER C 303 5.32 -12.75 -28.68
C SER C 303 5.96 -13.92 -27.93
N GLN C 304 7.13 -14.33 -28.38
CA GLN C 304 7.86 -15.44 -27.78
C GLN C 304 8.49 -15.05 -26.43
N THR C 305 8.76 -13.76 -26.24
CA THR C 305 9.54 -13.31 -25.10
C THR C 305 8.79 -12.39 -24.14
N THR C 306 7.76 -11.70 -24.63
CA THR C 306 7.05 -10.73 -23.82
C THR C 306 6.35 -11.36 -22.61
N LEU C 307 6.38 -10.66 -21.48
CA LEU C 307 5.75 -11.14 -20.26
C LEU C 307 4.23 -10.99 -20.33
N ARG C 308 3.76 -10.30 -21.35
CA ARG C 308 2.34 -10.13 -21.58
C ARG C 308 1.65 -11.47 -21.82
N TYR C 309 2.37 -12.38 -22.48
CA TYR C 309 1.80 -13.67 -22.84
C TYR C 309 2.31 -14.81 -21.95
N SER C 310 3.56 -14.70 -21.50
CA SER C 310 4.15 -15.74 -20.66
C SER C 310 3.60 -15.67 -19.23
N VAL C 311 3.43 -14.46 -18.71
CA VAL C 311 2.88 -14.28 -17.37
C VAL C 311 1.93 -13.09 -17.33
N LEU D 8 -46.47 -9.90 29.06
CA LEU D 8 -45.25 -9.11 29.07
C LEU D 8 -45.57 -7.61 29.08
N GLU D 9 -45.32 -6.98 30.23
CA GLU D 9 -45.56 -5.54 30.36
C GLU D 9 -44.25 -4.76 30.33
N PRO D 10 -44.03 -3.98 29.27
CA PRO D 10 -42.79 -3.21 29.09
C PRO D 10 -42.67 -2.07 30.10
N PRO D 11 -41.45 -1.84 30.61
CA PRO D 11 -41.18 -0.72 31.51
C PRO D 11 -41.32 0.63 30.79
N PRO D 12 -41.73 1.68 31.54
CA PRO D 12 -41.97 3.01 30.97
C PRO D 12 -40.75 3.56 30.22
N SER D 13 -40.98 4.25 29.11
CA SER D 13 -39.90 4.81 28.31
C SER D 13 -40.20 6.26 27.92
N THR D 14 -39.13 7.06 27.80
CA THR D 14 -39.28 8.46 27.40
C THR D 14 -39.11 8.60 25.89
N PHE D 15 -38.70 7.52 25.24
CA PHE D 15 -38.53 7.54 23.78
C PHE D 15 -39.88 7.59 23.08
N GLN D 16 -40.01 8.55 22.17
CA GLN D 16 -41.23 8.72 21.39
C GLN D 16 -41.05 8.17 19.98
N PRO D 17 -41.84 7.14 19.62
CA PRO D 17 -41.77 6.54 18.29
C PRO D 17 -42.53 7.36 17.25
N LEU D 18 -41.91 7.54 16.08
CA LEU D 18 -42.55 8.22 14.97
C LEU D 18 -42.53 7.34 13.72
N CYS D 19 -43.56 7.44 12.90
CA CYS D 19 -43.63 6.66 11.67
C CYS D 19 -43.60 7.57 10.44
N HIS D 20 -42.99 7.08 9.36
CA HIS D 20 -42.92 7.82 8.10
C HIS D 20 -44.32 8.07 7.56
N PRO D 21 -44.59 9.31 7.10
CA PRO D 21 -45.92 9.70 6.63
C PRO D 21 -46.44 8.86 5.46
N LEU D 22 -45.57 8.50 4.52
CA LEU D 22 -45.97 7.73 3.36
C LEU D 22 -45.87 6.23 3.60
N VAL D 23 -46.19 5.80 4.81
CA VAL D 23 -46.04 4.39 5.18
C VAL D 23 -47.00 3.50 4.40
N GLU D 24 -48.22 3.99 4.15
CA GLU D 24 -49.24 3.18 3.50
C GLU D 24 -48.99 3.02 2.00
N GLU D 25 -48.53 4.09 1.36
CA GLU D 25 -48.22 4.06 -0.06
C GLU D 25 -47.04 3.15 -0.37
N VAL D 26 -45.95 3.33 0.38
CA VAL D 26 -44.71 2.62 0.13
C VAL D 26 -44.82 1.13 0.45
N SER D 27 -45.46 0.80 1.58
CA SER D 27 -45.62 -0.59 1.98
C SER D 27 -46.41 -1.36 0.92
N LYS D 28 -47.53 -0.79 0.48
CA LYS D 28 -48.33 -1.37 -0.58
C LYS D 28 -47.49 -1.58 -1.84
N GLU D 29 -46.63 -0.60 -2.13
CA GLU D 29 -45.73 -0.67 -3.27
C GLU D 29 -44.67 -1.77 -3.14
N VAL D 30 -43.99 -1.80 -2.00
CA VAL D 30 -42.89 -2.72 -1.79
C VAL D 30 -43.37 -4.16 -1.59
N ASP D 31 -44.46 -4.31 -0.83
CA ASP D 31 -45.09 -5.63 -0.66
C ASP D 31 -45.51 -6.18 -2.01
N GLY D 32 -46.05 -5.32 -2.87
CA GLY D 32 -46.53 -5.71 -4.17
C GLY D 32 -45.41 -6.22 -5.05
N TYR D 33 -44.24 -5.61 -4.94
CA TYR D 33 -43.08 -6.04 -5.70
C TYR D 33 -42.65 -7.46 -5.32
N PHE D 34 -42.46 -7.69 -4.03
CA PHE D 34 -42.01 -8.99 -3.56
C PHE D 34 -43.08 -10.07 -3.77
N LEU D 35 -44.34 -9.71 -3.60
CA LEU D 35 -45.43 -10.65 -3.88
C LEU D 35 -45.43 -11.07 -5.35
N GLN D 36 -44.84 -10.24 -6.20
CA GLN D 36 -44.77 -10.52 -7.62
C GLN D 36 -43.50 -11.29 -8.00
N HIS D 37 -42.39 -10.96 -7.33
CA HIS D 37 -41.08 -11.46 -7.75
C HIS D 37 -40.48 -12.52 -6.84
N TRP D 38 -40.78 -12.48 -5.55
CA TRP D 38 -40.15 -13.39 -4.60
C TRP D 38 -40.75 -14.80 -4.68
N ASN D 39 -39.90 -15.81 -4.46
CA ASN D 39 -40.32 -17.20 -4.52
C ASN D 39 -40.97 -17.66 -3.22
N PHE D 40 -42.24 -17.34 -3.03
CA PHE D 40 -43.00 -17.83 -1.90
C PHE D 40 -43.48 -19.25 -2.20
N PRO D 41 -43.27 -20.17 -1.26
CA PRO D 41 -43.62 -21.60 -1.43
C PRO D 41 -45.12 -21.85 -1.55
N ASN D 42 -45.92 -21.02 -0.90
CA ASN D 42 -47.37 -21.19 -0.92
C ASN D 42 -48.09 -19.90 -0.49
N GLU D 43 -49.42 -19.96 -0.52
CA GLU D 43 -50.23 -18.78 -0.20
C GLU D 43 -50.12 -18.39 1.27
N LYS D 44 -49.96 -19.38 2.15
CA LYS D 44 -49.79 -19.12 3.57
C LYS D 44 -48.54 -18.28 3.83
N ALA D 45 -47.47 -18.57 3.09
CA ALA D 45 -46.23 -17.83 3.23
C ALA D 45 -46.37 -16.39 2.72
N ARG D 46 -47.24 -16.20 1.74
CA ARG D 46 -47.48 -14.88 1.17
C ARG D 46 -48.25 -13.99 2.15
N LYS D 47 -49.25 -14.58 2.81
CA LYS D 47 -50.05 -13.86 3.79
C LYS D 47 -49.22 -13.55 5.04
N LYS D 48 -48.38 -14.50 5.45
CA LYS D 48 -47.51 -14.31 6.59
C LYS D 48 -46.49 -13.20 6.32
N PHE D 49 -46.03 -13.13 5.07
CA PHE D 49 -45.08 -12.11 4.65
C PHE D 49 -45.66 -10.70 4.79
N VAL D 50 -46.93 -10.56 4.40
CA VAL D 50 -47.64 -9.28 4.48
C VAL D 50 -47.92 -8.93 5.94
N ALA D 51 -48.30 -9.94 6.71
CA ALA D 51 -48.64 -9.76 8.12
C ALA D 51 -47.45 -9.23 8.92
N ALA D 52 -46.24 -9.56 8.48
CA ALA D 52 -45.04 -9.12 9.16
C ALA D 52 -44.89 -7.60 9.11
N GLY D 53 -45.09 -7.02 7.93
CA GLY D 53 -44.99 -5.59 7.75
C GLY D 53 -43.56 -5.11 7.73
N PHE D 54 -42.79 -5.62 6.78
CA PHE D 54 -41.36 -5.31 6.69
C PHE D 54 -41.10 -3.88 6.22
N SER D 55 -42.12 -3.24 5.65
CA SER D 55 -42.00 -1.84 5.23
C SER D 55 -42.52 -0.92 6.34
N ARG D 56 -43.46 -1.42 7.12
CA ARG D 56 -44.01 -0.63 8.23
C ARG D 56 -42.95 -0.42 9.31
N VAL D 57 -42.04 -1.38 9.42
CA VAL D 57 -40.97 -1.29 10.42
C VAL D 57 -39.84 -0.40 9.92
N THR D 58 -39.63 -0.40 8.60
CA THR D 58 -38.63 0.45 7.99
C THR D 58 -39.06 1.91 8.10
N CYS D 59 -40.36 2.14 7.97
CA CYS D 59 -40.92 3.49 8.11
C CYS D 59 -40.88 3.94 9.57
N LEU D 60 -40.82 2.98 10.48
CA LEU D 60 -40.66 3.26 11.90
C LEU D 60 -39.19 3.44 12.27
N TYR D 61 -38.31 2.83 11.47
CA TYR D 61 -36.87 3.02 11.64
C TYR D 61 -36.46 4.44 11.27
N PHE D 62 -36.86 4.86 10.07
CA PHE D 62 -36.49 6.17 9.56
C PHE D 62 -37.73 6.99 9.18
N PRO D 63 -38.43 7.53 10.19
CA PRO D 63 -39.66 8.28 9.95
C PRO D 63 -39.41 9.63 9.27
N LYS D 64 -38.19 10.14 9.36
CA LYS D 64 -37.85 11.41 8.75
C LYS D 64 -37.10 11.23 7.44
N ALA D 65 -37.11 10.00 6.92
CA ALA D 65 -36.50 9.71 5.63
C ALA D 65 -37.19 10.50 4.52
N LEU D 66 -36.41 10.90 3.52
CA LEU D 66 -36.95 11.66 2.40
C LEU D 66 -37.98 10.85 1.63
N ASP D 67 -39.04 11.51 1.18
CA ASP D 67 -40.16 10.85 0.54
C ASP D 67 -39.78 10.08 -0.72
N ASP D 68 -38.70 10.50 -1.37
CA ASP D 68 -38.27 9.88 -2.62
C ASP D 68 -37.19 8.81 -2.38
N ARG D 69 -37.02 8.41 -1.11
CA ARG D 69 -35.93 7.51 -0.77
C ARG D 69 -36.38 6.38 0.16
N ILE D 70 -37.53 6.56 0.79
CA ILE D 70 -38.02 5.62 1.79
C ILE D 70 -38.25 4.21 1.22
N HIS D 71 -38.65 4.14 -0.05
CA HIS D 71 -38.94 2.86 -0.68
C HIS D 71 -37.66 2.03 -0.87
N PHE D 72 -36.53 2.71 -1.09
CA PHE D 72 -35.26 2.02 -1.25
C PHE D 72 -34.91 1.22 0.00
N ALA D 73 -35.08 1.85 1.16
CA ALA D 73 -34.77 1.22 2.43
C ALA D 73 -35.70 0.05 2.70
N CYS D 74 -36.98 0.25 2.40
CA CYS D 74 -37.99 -0.79 2.60
C CYS D 74 -37.66 -2.05 1.80
N ARG D 75 -37.15 -1.87 0.59
CA ARG D 75 -36.80 -3.00 -0.26
C ARG D 75 -35.59 -3.77 0.29
N LEU D 76 -34.59 -3.04 0.73
CA LEU D 76 -33.36 -3.65 1.23
C LEU D 76 -33.61 -4.45 2.50
N LEU D 77 -34.35 -3.85 3.44
CA LEU D 77 -34.63 -4.51 4.70
C LEU D 77 -35.58 -5.69 4.52
N THR D 78 -36.50 -5.57 3.58
CA THR D 78 -37.45 -6.64 3.29
C THR D 78 -36.75 -7.90 2.81
N VAL D 79 -35.87 -7.76 1.84
CA VAL D 79 -35.18 -8.91 1.27
C VAL D 79 -34.17 -9.48 2.27
N LEU D 80 -33.61 -8.61 3.12
CA LEU D 80 -32.71 -9.06 4.17
C LEU D 80 -33.46 -9.88 5.21
N PHE D 81 -34.70 -9.47 5.49
CA PHE D 81 -35.56 -10.21 6.40
C PHE D 81 -35.88 -11.60 5.86
N LEU D 82 -36.25 -11.65 4.58
CA LEU D 82 -36.60 -12.91 3.91
C LEU D 82 -35.43 -13.89 3.90
N ILE D 83 -34.24 -13.39 3.62
CA ILE D 83 -33.04 -14.21 3.59
C ILE D 83 -32.67 -14.66 5.00
N ASP D 84 -32.90 -13.79 5.97
CA ASP D 84 -32.66 -14.08 7.38
C ASP D 84 -33.39 -15.37 7.80
N ASP D 85 -34.64 -15.49 7.37
CA ASP D 85 -35.44 -16.67 7.69
C ASP D 85 -34.95 -17.91 6.93
N LEU D 86 -34.52 -17.72 5.68
CA LEU D 86 -34.04 -18.82 4.86
C LEU D 86 -32.79 -19.47 5.43
N LEU D 87 -31.90 -18.66 5.98
CA LEU D 87 -30.63 -19.14 6.52
C LEU D 87 -30.81 -20.12 7.68
N GLU D 88 -31.95 -20.02 8.36
CA GLU D 88 -32.23 -20.85 9.51
C GLU D 88 -32.34 -22.34 9.17
N TYR D 89 -32.70 -22.63 7.92
CA TYR D 89 -32.89 -24.03 7.50
C TYR D 89 -31.66 -24.56 6.79
N MET D 90 -30.58 -23.79 6.78
CA MET D 90 -29.34 -24.20 6.14
C MET D 90 -28.26 -24.45 7.20
N SER D 91 -27.21 -25.17 6.81
CA SER D 91 -26.04 -25.30 7.67
C SER D 91 -25.24 -24.01 7.59
N PHE D 92 -24.22 -23.88 8.43
CA PHE D 92 -23.38 -22.68 8.43
C PHE D 92 -22.63 -22.54 7.10
N GLU D 93 -22.32 -23.67 6.46
CA GLU D 93 -21.67 -23.65 5.16
C GLU D 93 -22.66 -23.23 4.07
N GLU D 94 -23.81 -23.89 4.05
CA GLU D 94 -24.87 -23.57 3.08
C GLU D 94 -25.32 -22.13 3.19
N GLY D 95 -25.35 -21.63 4.42
CA GLY D 95 -25.74 -20.25 4.68
C GLY D 95 -24.73 -19.26 4.13
N SER D 96 -23.45 -19.55 4.35
CA SER D 96 -22.39 -18.66 3.87
C SER D 96 -22.33 -18.68 2.35
N ALA D 97 -22.35 -19.88 1.77
CA ALA D 97 -22.32 -20.05 0.31
C ALA D 97 -23.47 -19.31 -0.35
N TYR D 98 -24.63 -19.32 0.28
CA TYR D 98 -25.81 -18.62 -0.22
C TYR D 98 -25.57 -17.10 -0.21
N ASN D 99 -25.08 -16.59 0.92
CA ASN D 99 -24.83 -15.17 1.06
C ASN D 99 -23.65 -14.68 0.21
N GLU D 100 -22.71 -15.57 -0.09
CA GLU D 100 -21.52 -15.20 -0.84
C GLU D 100 -21.83 -14.87 -2.30
N LYS D 101 -22.74 -15.63 -2.90
CA LYS D 101 -23.12 -15.39 -4.29
C LYS D 101 -23.78 -14.02 -4.45
N LEU D 102 -24.45 -13.56 -3.41
CA LEU D 102 -25.19 -12.30 -3.46
C LEU D 102 -24.27 -11.09 -3.23
N ILE D 103 -23.06 -11.34 -2.76
CA ILE D 103 -22.13 -10.24 -2.46
C ILE D 103 -21.69 -9.47 -3.72
N PRO D 104 -21.17 -10.17 -4.75
CA PRO D 104 -20.75 -9.37 -5.91
C PRO D 104 -21.94 -8.85 -6.71
N ILE D 105 -23.05 -9.58 -6.68
CA ILE D 105 -24.27 -9.17 -7.35
C ILE D 105 -24.80 -7.89 -6.71
N SER D 106 -24.59 -7.76 -5.41
CA SER D 106 -24.99 -6.57 -4.67
C SER D 106 -24.20 -5.35 -5.13
N ARG D 107 -22.96 -5.58 -5.57
CA ARG D 107 -22.11 -4.52 -6.06
C ARG D 107 -22.42 -4.20 -7.53
N GLY D 108 -23.07 -5.15 -8.20
CA GLY D 108 -23.36 -5.00 -9.62
C GLY D 108 -22.20 -5.44 -10.47
N ASP D 109 -21.26 -6.15 -9.86
CA ASP D 109 -20.06 -6.61 -10.54
C ASP D 109 -20.31 -7.94 -11.26
N VAL D 110 -21.33 -8.66 -10.80
CA VAL D 110 -21.70 -9.93 -11.40
C VAL D 110 -23.17 -9.96 -11.77
N LEU D 111 -23.48 -10.39 -12.98
CA LEU D 111 -24.86 -10.42 -13.46
C LEU D 111 -25.63 -11.60 -12.87
N PRO D 112 -26.87 -11.35 -12.44
CA PRO D 112 -27.70 -12.34 -11.75
C PRO D 112 -28.44 -13.30 -12.67
N ASP D 113 -28.66 -14.52 -12.19
CA ASP D 113 -29.51 -15.48 -12.89
C ASP D 113 -30.94 -15.01 -12.81
N ARG D 114 -31.51 -14.64 -13.96
CA ARG D 114 -32.86 -14.09 -14.01
C ARG D 114 -33.93 -15.16 -13.74
N SER D 115 -33.52 -16.42 -13.74
CA SER D 115 -34.43 -17.51 -13.40
C SER D 115 -34.43 -17.74 -11.89
N ILE D 116 -33.54 -17.05 -11.19
CA ILE D 116 -33.46 -17.15 -9.73
C ILE D 116 -33.77 -15.78 -9.11
N PRO D 117 -35.00 -15.64 -8.57
CA PRO D 117 -35.54 -14.38 -8.04
C PRO D 117 -34.59 -13.61 -7.13
N VAL D 118 -34.08 -14.26 -6.08
CA VAL D 118 -33.26 -13.58 -5.08
C VAL D 118 -32.07 -12.88 -5.73
N GLU D 119 -31.53 -13.47 -6.79
CA GLU D 119 -30.35 -12.92 -7.43
C GLU D 119 -30.63 -11.60 -8.16
N TYR D 120 -31.70 -11.55 -8.94
CA TYR D 120 -31.99 -10.34 -9.72
C TYR D 120 -32.75 -9.31 -8.91
N ILE D 121 -33.30 -9.73 -7.77
CA ILE D 121 -33.95 -8.78 -6.86
C ILE D 121 -32.89 -7.94 -6.17
N ILE D 122 -31.81 -8.58 -5.73
CA ILE D 122 -30.70 -7.89 -5.10
C ILE D 122 -30.01 -6.96 -6.09
N TYR D 123 -29.80 -7.45 -7.31
CA TYR D 123 -29.14 -6.68 -8.36
C TYR D 123 -29.87 -5.38 -8.67
N ASP D 124 -31.11 -5.49 -9.13
CA ASP D 124 -31.89 -4.33 -9.54
C ASP D 124 -32.07 -3.32 -8.41
N LEU D 125 -32.23 -3.82 -7.19
CA LEU D 125 -32.40 -2.96 -6.03
C LEU D 125 -31.16 -2.10 -5.82
N TRP D 126 -29.99 -2.73 -5.84
CA TRP D 126 -28.74 -2.00 -5.63
C TRP D 126 -28.45 -1.05 -6.78
N GLU D 127 -28.76 -1.47 -8.00
CA GLU D 127 -28.57 -0.63 -9.17
C GLU D 127 -29.43 0.63 -9.09
N SER D 128 -30.66 0.47 -8.65
CA SER D 128 -31.60 1.58 -8.56
C SER D 128 -31.13 2.64 -7.58
N MET D 129 -30.60 2.20 -6.45
CA MET D 129 -30.13 3.14 -5.43
C MET D 129 -28.71 3.63 -5.73
N ARG D 130 -27.96 2.86 -6.50
CA ARG D 130 -26.67 3.31 -7.01
C ARG D 130 -26.87 4.38 -8.08
N ALA D 131 -27.83 4.13 -8.98
CA ALA D 131 -28.14 5.08 -10.04
C ALA D 131 -29.11 6.15 -9.54
N HIS D 132 -29.03 6.45 -8.25
CA HIS D 132 -29.81 7.52 -7.65
C HIS D 132 -28.91 8.36 -6.77
N ASP D 133 -27.91 7.72 -6.19
CA ASP D 133 -26.99 8.36 -5.24
C ASP D 133 -25.82 7.43 -4.95
N ARG D 134 -24.97 7.20 -5.95
CA ARG D 134 -23.87 6.24 -5.85
C ARG D 134 -22.94 6.54 -4.68
N GLU D 135 -22.88 7.80 -4.28
CA GLU D 135 -22.09 8.21 -3.13
C GLU D 135 -22.63 7.56 -1.85
N MET D 136 -23.85 7.91 -1.49
CA MET D 136 -24.48 7.43 -0.26
C MET D 136 -24.88 5.95 -0.36
N ALA D 137 -24.92 5.41 -1.57
CA ALA D 137 -25.34 4.03 -1.79
C ALA D 137 -24.21 3.05 -1.50
N ASP D 138 -22.99 3.41 -1.90
CA ASP D 138 -21.84 2.53 -1.71
C ASP D 138 -21.36 2.54 -0.26
N GLU D 139 -21.95 3.40 0.56
CA GLU D 139 -21.62 3.46 1.97
C GLU D 139 -22.45 2.47 2.78
N ILE D 140 -23.42 1.85 2.13
CA ILE D 140 -24.26 0.85 2.77
C ILE D 140 -23.79 -0.56 2.39
N LEU D 141 -22.90 -0.63 1.41
CA LEU D 141 -22.42 -1.91 0.89
C LEU D 141 -21.69 -2.73 1.95
N GLU D 142 -20.52 -2.24 2.36
CA GLU D 142 -19.69 -2.94 3.34
C GLU D 142 -20.37 -3.23 4.68
N PRO D 143 -21.17 -2.27 5.21
CA PRO D 143 -21.92 -2.61 6.42
C PRO D 143 -22.87 -3.80 6.23
N VAL D 144 -23.55 -3.83 5.09
CA VAL D 144 -24.43 -4.95 4.76
C VAL D 144 -23.62 -6.24 4.63
N PHE D 145 -22.48 -6.14 3.95
CA PHE D 145 -21.61 -7.29 3.76
C PHE D 145 -21.09 -7.83 5.08
N LEU D 146 -20.83 -6.92 6.02
CA LEU D 146 -20.38 -7.29 7.35
C LEU D 146 -21.46 -8.09 8.09
N PHE D 147 -22.67 -7.55 8.07
CA PHE D 147 -23.82 -8.17 8.71
C PHE D 147 -24.13 -9.54 8.11
N MET D 148 -23.93 -9.67 6.81
CA MET D 148 -24.20 -10.93 6.11
C MET D 148 -23.26 -12.05 6.55
N ARG D 149 -21.97 -11.73 6.64
CA ARG D 149 -20.97 -12.72 7.00
C ARG D 149 -21.04 -13.04 8.50
N ALA D 150 -21.65 -12.14 9.26
CA ALA D 150 -21.82 -12.35 10.70
C ALA D 150 -23.01 -13.25 10.97
N GLN D 151 -23.82 -13.51 9.96
CA GLN D 151 -25.00 -14.35 10.10
C GLN D 151 -24.64 -15.83 10.15
N THR D 152 -23.52 -16.19 9.55
CA THR D 152 -23.09 -17.59 9.50
C THR D 152 -21.77 -17.81 10.21
N ASP D 153 -21.39 -16.86 11.06
CA ASP D 153 -20.16 -16.95 11.84
C ASP D 153 -20.22 -18.16 12.77
N ARG D 154 -19.13 -18.91 12.84
CA ARG D 154 -19.07 -20.14 13.63
C ARG D 154 -19.21 -19.86 15.13
N THR D 155 -19.06 -18.60 15.52
CA THR D 155 -19.15 -18.20 16.91
C THR D 155 -20.57 -18.34 17.47
N ARG D 156 -21.53 -18.59 16.60
CA ARG D 156 -22.91 -18.81 17.02
C ARG D 156 -23.07 -20.17 17.69
N ALA D 157 -22.14 -21.07 17.38
CA ALA D 157 -22.17 -22.42 17.94
C ALA D 157 -21.18 -22.56 19.09
N ARG D 158 -20.60 -21.45 19.52
CA ARG D 158 -19.69 -21.43 20.66
C ARG D 158 -20.35 -20.80 21.87
N PRO D 159 -19.97 -21.26 23.07
CA PRO D 159 -20.48 -20.64 24.31
C PRO D 159 -20.05 -19.18 24.41
N MET D 160 -20.98 -18.30 24.71
CA MET D 160 -20.68 -16.87 24.80
C MET D 160 -21.28 -16.24 26.05
N GLY D 161 -20.54 -15.28 26.61
CA GLY D 161 -21.05 -14.48 27.71
C GLY D 161 -21.83 -13.31 27.17
N LEU D 162 -22.41 -12.51 28.05
CA LEU D 162 -23.21 -11.36 27.64
C LEU D 162 -22.36 -10.31 26.91
N GLY D 163 -21.13 -10.13 27.37
CA GLY D 163 -20.23 -9.17 26.77
C GLY D 163 -19.81 -9.55 25.36
N GLY D 164 -19.36 -10.79 25.20
CA GLY D 164 -18.92 -11.28 23.91
C GLY D 164 -20.07 -11.39 22.92
N TYR D 165 -21.27 -11.59 23.43
CA TYR D 165 -22.45 -11.71 22.59
C TYR D 165 -22.86 -10.35 22.03
N LEU D 166 -22.88 -9.33 22.87
CA LEU D 166 -23.32 -8.01 22.47
C LEU D 166 -22.37 -7.37 21.46
N GLU D 167 -21.08 -7.67 21.60
CA GLU D 167 -20.09 -7.11 20.68
C GLU D 167 -20.18 -7.81 19.33
N TYR D 168 -20.70 -9.04 19.33
CA TYR D 168 -20.91 -9.79 18.10
C TYR D 168 -22.24 -9.43 17.47
N ARG D 169 -23.28 -9.31 18.30
CA ARG D 169 -24.63 -9.03 17.82
C ARG D 169 -24.74 -7.66 17.17
N GLU D 170 -23.80 -6.77 17.48
CA GLU D 170 -23.75 -5.46 16.85
C GLU D 170 -23.65 -5.61 15.34
N ARG D 171 -22.99 -6.68 14.90
CA ARG D 171 -22.88 -7.00 13.49
C ARG D 171 -24.08 -7.78 12.98
N ASP D 172 -24.49 -8.80 13.73
CA ASP D 172 -25.58 -9.68 13.31
C ASP D 172 -26.93 -8.96 13.28
N VAL D 173 -27.04 -7.88 14.06
CA VAL D 173 -28.25 -7.06 14.04
C VAL D 173 -28.13 -5.98 12.96
N GLY D 174 -26.93 -5.87 12.38
CA GLY D 174 -26.68 -4.92 11.32
C GLY D 174 -26.75 -3.46 11.74
N LYS D 175 -26.05 -3.12 12.82
CA LYS D 175 -26.07 -1.76 13.35
C LYS D 175 -25.54 -0.75 12.33
N GLU D 176 -24.44 -1.09 11.67
CA GLU D 176 -23.83 -0.22 10.69
C GLU D 176 -24.73 -0.01 9.47
N LEU D 177 -25.28 -1.10 8.94
CA LEU D 177 -26.09 -1.02 7.73
C LEU D 177 -27.36 -0.22 7.98
N LEU D 178 -27.88 -0.30 9.20
CA LEU D 178 -29.05 0.49 9.56
C LEU D 178 -28.69 1.97 9.64
N ALA D 179 -27.49 2.24 10.16
CA ALA D 179 -27.01 3.61 10.27
C ALA D 179 -26.75 4.21 8.90
N ALA D 180 -26.09 3.46 8.03
CA ALA D 180 -25.80 3.90 6.67
C ALA D 180 -27.10 4.06 5.86
N LEU D 181 -28.05 3.16 6.09
CA LEU D 181 -29.34 3.23 5.40
C LEU D 181 -30.13 4.43 5.89
N MET D 182 -30.05 4.70 7.19
CA MET D 182 -30.74 5.84 7.78
C MET D 182 -30.25 7.14 7.15
N ARG D 183 -28.94 7.22 6.93
CA ARG D 183 -28.35 8.38 6.30
C ARG D 183 -28.76 8.48 4.83
N PHE D 184 -28.75 7.34 4.15
CA PHE D 184 -29.15 7.28 2.75
C PHE D 184 -30.59 7.76 2.55
N SER D 185 -31.52 7.14 3.27
CA SER D 185 -32.93 7.44 3.12
C SER D 185 -33.27 8.87 3.55
N MET D 186 -32.37 9.49 4.32
CA MET D 186 -32.60 10.82 4.83
C MET D 186 -31.71 11.85 4.15
N GLY D 187 -30.71 11.38 3.43
CA GLY D 187 -29.72 12.25 2.80
C GLY D 187 -28.90 12.95 3.86
N LEU D 188 -28.10 12.17 4.58
CA LEU D 188 -27.38 12.69 5.74
C LEU D 188 -25.91 12.25 5.76
N LYS D 189 -25.14 12.66 4.77
CA LYS D 189 -23.72 12.35 4.73
C LYS D 189 -22.93 13.37 5.54
N LEU D 190 -21.88 12.92 6.22
CA LEU D 190 -21.05 13.81 7.02
C LEU D 190 -19.62 13.30 7.14
N SER D 191 -18.72 14.19 7.56
CA SER D 191 -17.29 13.89 7.62
C SER D 191 -16.95 12.83 8.66
N PRO D 192 -15.84 12.09 8.43
CA PRO D 192 -15.33 11.10 9.39
C PRO D 192 -15.05 11.67 10.77
N SER D 193 -14.78 12.98 10.84
CA SER D 193 -14.57 13.64 12.13
C SER D 193 -15.87 13.67 12.92
N GLU D 194 -16.98 13.77 12.21
CA GLU D 194 -18.30 13.69 12.82
C GLU D 194 -18.66 12.22 13.06
N LEU D 195 -17.95 11.34 12.37
CA LEU D 195 -18.14 9.90 12.50
C LEU D 195 -17.22 9.35 13.60
N GLN D 196 -16.78 10.25 14.48
CA GLN D 196 -15.84 9.90 15.53
C GLN D 196 -16.49 9.91 16.91
N ARG D 197 -17.08 11.05 17.27
CA ARG D 197 -17.69 11.21 18.59
C ARG D 197 -19.10 10.62 18.64
N VAL D 198 -19.32 9.57 17.85
CA VAL D 198 -20.60 8.88 17.82
C VAL D 198 -20.40 7.37 17.87
N ARG D 199 -19.14 6.94 17.88
CA ARG D 199 -18.80 5.52 17.94
C ARG D 199 -19.01 4.96 19.34
N GLU D 200 -19.70 5.72 20.17
CA GLU D 200 -19.97 5.31 21.55
C GLU D 200 -21.47 5.42 21.80
N ILE D 201 -22.11 6.38 21.14
CA ILE D 201 -23.56 6.50 21.18
C ILE D 201 -24.18 5.39 20.33
N ASP D 202 -23.46 4.98 19.29
CA ASP D 202 -23.87 3.87 18.45
C ASP D 202 -23.85 2.56 19.22
N ALA D 203 -22.80 2.36 20.01
CA ALA D 203 -22.65 1.13 20.80
C ALA D 203 -23.82 0.96 21.77
N ASN D 204 -24.14 2.02 22.50
CA ASN D 204 -25.28 1.99 23.41
C ASN D 204 -26.59 1.77 22.67
N CYS D 205 -26.66 2.29 21.45
CA CYS D 205 -27.84 2.13 20.62
C CYS D 205 -27.96 0.70 20.10
N SER D 206 -26.83 0.14 19.70
CA SER D 206 -26.78 -1.21 19.15
C SER D 206 -27.26 -2.27 20.14
N LYS D 207 -26.85 -2.12 21.40
CA LYS D 207 -27.25 -3.06 22.43
C LYS D 207 -28.75 -2.98 22.66
N HIS D 208 -29.31 -1.77 22.58
CA HIS D 208 -30.74 -1.56 22.73
C HIS D 208 -31.52 -2.29 21.64
N LEU D 209 -31.08 -2.11 20.40
CA LEU D 209 -31.72 -2.75 19.25
C LEU D 209 -31.62 -4.27 19.33
N SER D 210 -30.44 -4.77 19.66
CA SER D 210 -30.19 -6.19 19.74
C SER D 210 -31.05 -6.89 20.78
N VAL D 211 -31.06 -6.36 21.99
CA VAL D 211 -31.73 -7.01 23.11
C VAL D 211 -33.25 -6.88 23.04
N VAL D 212 -33.73 -5.69 22.65
CA VAL D 212 -35.16 -5.48 22.46
C VAL D 212 -35.70 -6.47 21.43
N ASN D 213 -34.92 -6.69 20.37
CA ASN D 213 -35.27 -7.70 19.37
C ASN D 213 -35.24 -9.10 19.97
N ASP D 214 -34.19 -9.39 20.74
CA ASP D 214 -34.05 -10.67 21.42
C ASP D 214 -35.27 -10.97 22.30
N ILE D 215 -35.72 -9.97 23.05
CA ILE D 215 -36.84 -10.12 23.97
C ILE D 215 -38.14 -10.52 23.26
N TYR D 216 -38.50 -9.76 22.23
CA TYR D 216 -39.78 -9.98 21.54
C TYR D 216 -39.73 -11.15 20.55
N SER D 217 -38.55 -11.47 20.05
CA SER D 217 -38.43 -12.53 19.05
C SER D 217 -37.91 -13.84 19.64
N TYR D 218 -37.89 -13.95 20.96
CA TYR D 218 -37.36 -15.14 21.60
C TYR D 218 -38.19 -16.39 21.29
N GLU D 219 -39.49 -16.29 21.49
CA GLU D 219 -40.39 -17.42 21.30
C GLU D 219 -40.33 -17.94 19.87
N LYS D 220 -40.22 -17.02 18.92
CA LYS D 220 -40.05 -17.37 17.51
C LYS D 220 -38.77 -18.16 17.30
N GLU D 221 -37.68 -17.66 17.89
CA GLU D 221 -36.37 -18.26 17.72
C GLU D 221 -36.19 -19.52 18.56
N LEU D 222 -37.01 -19.66 19.60
CA LEU D 222 -37.02 -20.86 20.42
C LEU D 222 -37.59 -22.00 19.60
N TYR D 223 -38.73 -21.74 18.98
CA TYR D 223 -39.39 -22.69 18.10
C TYR D 223 -38.47 -23.12 16.97
N THR D 224 -37.78 -22.15 16.38
CA THR D 224 -36.85 -22.42 15.29
C THR D 224 -35.71 -23.36 15.70
N SER D 225 -35.19 -23.16 16.91
CA SER D 225 -34.07 -23.96 17.39
C SER D 225 -34.46 -25.42 17.59
N LYS D 226 -35.76 -25.67 17.73
CA LYS D 226 -36.27 -27.01 17.94
C LYS D 226 -36.64 -27.70 16.63
N THR D 227 -36.95 -26.91 15.61
CA THR D 227 -37.57 -27.46 14.40
C THR D 227 -36.75 -27.30 13.11
N ALA D 228 -35.73 -26.43 13.14
CA ALA D 228 -34.96 -26.17 11.93
C ALA D 228 -33.64 -26.95 11.90
N HIS D 229 -32.70 -26.44 11.13
CA HIS D 229 -31.38 -27.04 11.02
C HIS D 229 -30.58 -26.83 12.30
N SER D 230 -29.83 -27.84 12.71
CA SER D 230 -29.10 -27.80 13.97
C SER D 230 -28.07 -26.68 14.02
N GLU D 231 -27.66 -26.19 12.86
CA GLU D 231 -26.69 -25.10 12.81
C GLU D 231 -27.36 -23.75 12.55
N GLY D 232 -28.03 -23.63 11.41
CA GLY D 232 -28.66 -22.38 11.03
C GLY D 232 -29.74 -21.91 11.99
N GLY D 233 -30.36 -22.84 12.69
CA GLY D 233 -31.43 -22.51 13.60
C GLY D 233 -31.01 -22.43 15.06
N ILE D 234 -29.71 -22.56 15.31
CA ILE D 234 -29.19 -22.58 16.68
C ILE D 234 -29.63 -21.35 17.47
N LEU D 235 -30.01 -21.56 18.73
CA LEU D 235 -30.49 -20.48 19.58
C LEU D 235 -29.35 -19.62 20.09
N CYS D 236 -29.23 -18.42 19.55
CA CYS D 236 -28.18 -17.48 19.96
C CYS D 236 -28.81 -16.13 20.30
N THR D 237 -29.07 -15.91 21.59
CA THR D 237 -29.78 -14.73 22.04
C THR D 237 -29.45 -14.36 23.49
N SER D 238 -29.59 -13.07 23.80
CA SER D 238 -29.27 -12.57 25.14
C SER D 238 -30.22 -13.12 26.21
N VAL D 239 -31.45 -13.43 25.79
CA VAL D 239 -32.45 -13.98 26.69
C VAL D 239 -32.00 -15.34 27.22
N GLN D 240 -31.45 -16.17 26.34
CA GLN D 240 -30.98 -17.49 26.73
C GLN D 240 -29.71 -17.41 27.58
N ILE D 241 -28.83 -16.49 27.22
CA ILE D 241 -27.56 -16.35 27.94
C ILE D 241 -27.78 -15.90 29.38
N LEU D 242 -28.61 -14.88 29.55
CA LEU D 242 -28.93 -14.38 30.89
C LEU D 242 -29.66 -15.43 31.71
N ALA D 243 -30.59 -16.13 31.07
CA ALA D 243 -31.35 -17.19 31.74
C ALA D 243 -30.42 -18.29 32.24
N GLN D 244 -29.41 -18.62 31.44
CA GLN D 244 -28.45 -19.65 31.81
C GLN D 244 -27.57 -19.21 32.99
N GLU D 245 -26.99 -18.01 32.87
CA GLU D 245 -26.03 -17.54 33.86
C GLU D 245 -26.70 -17.18 35.18
N ALA D 246 -27.91 -16.65 35.12
CA ALA D 246 -28.63 -16.25 36.33
C ALA D 246 -29.51 -17.40 36.85
N ASP D 247 -29.56 -18.48 36.09
CA ASP D 247 -30.39 -19.65 36.42
C ASP D 247 -31.84 -19.25 36.66
N VAL D 248 -32.43 -18.54 35.71
CA VAL D 248 -33.84 -18.17 35.75
C VAL D 248 -34.53 -18.55 34.45
N THR D 249 -35.85 -18.44 34.43
CA THR D 249 -36.62 -18.70 33.21
C THR D 249 -36.35 -17.64 32.17
N ALA D 250 -36.63 -17.96 30.91
CA ALA D 250 -36.49 -17.00 29.82
C ALA D 250 -37.39 -15.80 30.04
N GLU D 251 -38.58 -16.05 30.58
CA GLU D 251 -39.54 -14.99 30.86
C GLU D 251 -38.99 -14.01 31.89
N ALA D 252 -38.32 -14.56 32.91
CA ALA D 252 -37.69 -13.73 33.94
C ALA D 252 -36.55 -12.92 33.36
N ALA D 253 -35.79 -13.54 32.46
CA ALA D 253 -34.64 -12.88 31.84
C ALA D 253 -35.09 -11.73 30.94
N LYS D 254 -36.28 -11.88 30.34
CA LYS D 254 -36.84 -10.82 29.51
C LYS D 254 -37.12 -9.56 30.31
N ARG D 255 -37.81 -9.73 31.45
CA ARG D 255 -38.18 -8.63 32.31
C ARG D 255 -36.95 -7.89 32.83
N VAL D 256 -35.89 -8.64 33.09
CA VAL D 256 -34.63 -8.07 33.55
C VAL D 256 -33.90 -7.33 32.42
N LEU D 257 -33.82 -7.99 31.26
CA LEU D 257 -33.21 -7.38 30.08
C LEU D 257 -33.95 -6.13 29.64
N PHE D 258 -35.26 -6.12 29.85
CA PHE D 258 -36.08 -4.98 29.46
C PHE D 258 -35.75 -3.75 30.32
N VAL D 259 -35.52 -3.99 31.60
CA VAL D 259 -35.07 -2.95 32.51
C VAL D 259 -33.71 -2.42 32.06
N MET D 260 -32.87 -3.34 31.61
CA MET D 260 -31.53 -2.99 31.14
CA MET D 260 -31.54 -2.98 31.14
C MET D 260 -31.60 -2.09 29.90
N CYS D 261 -32.58 -2.36 29.03
CA CYS D 261 -32.76 -1.57 27.82
C CYS D 261 -33.06 -0.11 28.14
N ARG D 262 -33.91 0.11 29.15
CA ARG D 262 -34.25 1.45 29.59
C ARG D 262 -33.04 2.18 30.15
N GLU D 263 -32.12 1.42 30.74
CA GLU D 263 -30.88 2.00 31.24
C GLU D 263 -30.00 2.41 30.05
N TRP D 264 -30.10 1.68 28.95
CA TRP D 264 -29.38 2.02 27.73
C TRP D 264 -29.99 3.26 27.10
N GLU D 265 -31.30 3.45 27.31
CA GLU D 265 -31.99 4.65 26.85
C GLU D 265 -31.52 5.87 27.63
N LEU D 266 -31.43 5.70 28.96
CA LEU D 266 -30.93 6.76 29.83
C LEU D 266 -29.49 7.11 29.51
N ARG D 267 -28.70 6.11 29.10
CA ARG D 267 -27.32 6.35 28.72
C ARG D 267 -27.25 7.11 27.39
N HIS D 268 -28.18 6.81 26.49
CA HIS D 268 -28.24 7.49 25.21
C HIS D 268 -28.49 8.99 25.39
N GLN D 269 -29.56 9.31 26.09
CA GLN D 269 -29.91 10.70 26.39
C GLN D 269 -28.79 11.41 27.12
N LEU D 270 -28.07 10.66 27.96
CA LEU D 270 -26.94 11.19 28.69
C LEU D 270 -25.80 11.56 27.74
N LEU D 271 -25.50 10.66 26.82
CA LEU D 271 -24.43 10.85 25.84
C LEU D 271 -24.75 11.97 24.86
N VAL D 272 -26.03 12.15 24.56
CA VAL D 272 -26.48 13.19 23.64
C VAL D 272 -26.31 14.58 24.25
N ALA D 273 -26.78 14.73 25.48
CA ALA D 273 -26.66 16.01 26.19
C ALA D 273 -25.20 16.32 26.54
N ARG D 274 -24.36 15.29 26.51
CA ARG D 274 -22.95 15.45 26.82
C ARG D 274 -22.16 15.94 25.61
N LEU D 275 -22.73 15.77 24.42
CA LEU D 275 -22.08 16.26 23.21
C LEU D 275 -22.40 17.73 22.97
N SER D 276 -23.24 18.30 23.82
CA SER D 276 -23.53 19.74 23.77
C SER D 276 -22.51 20.49 24.61
N ALA D 277 -22.04 19.85 25.68
CA ALA D 277 -21.04 20.44 26.56
C ALA D 277 -19.71 20.59 25.82
N GLU D 278 -19.36 19.58 25.03
CA GLU D 278 -18.17 19.63 24.20
C GLU D 278 -18.55 19.97 22.76
N GLY D 279 -18.08 21.11 22.28
CA GLY D 279 -18.44 21.61 20.97
C GLY D 279 -18.14 20.65 19.83
N LEU D 280 -18.92 19.59 19.74
CA LEU D 280 -18.75 18.58 18.70
C LEU D 280 -20.10 18.15 18.13
N GLU D 281 -21.17 18.76 18.61
CA GLU D 281 -22.51 18.42 18.14
C GLU D 281 -22.91 19.25 16.93
N THR D 282 -22.47 18.83 15.76
CA THR D 282 -22.85 19.48 14.51
C THR D 282 -24.34 19.24 14.27
N PRO D 283 -25.01 20.17 13.56
CA PRO D 283 -26.44 20.00 13.27
C PRO D 283 -26.75 18.73 12.49
N GLY D 284 -25.75 18.18 11.80
CA GLY D 284 -25.90 16.91 11.12
C GLY D 284 -25.91 15.76 12.12
N LEU D 285 -25.06 15.87 13.13
CA LEU D 285 -25.00 14.87 14.20
C LEU D 285 -26.23 14.95 15.10
N ALA D 286 -26.83 16.14 15.18
CA ALA D 286 -28.03 16.34 15.98
C ALA D 286 -29.19 15.55 15.41
N ALA D 287 -29.32 15.55 14.08
CA ALA D 287 -30.37 14.80 13.41
C ALA D 287 -30.07 13.31 13.43
N TYR D 288 -28.78 12.98 13.47
CA TYR D 288 -28.32 11.59 13.49
C TYR D 288 -28.77 10.87 14.75
N VAL D 289 -28.39 11.41 15.91
CA VAL D 289 -28.74 10.80 17.20
C VAL D 289 -30.24 10.88 17.45
N GLU D 290 -30.92 11.78 16.75
CA GLU D 290 -32.36 11.87 16.81
C GLU D 290 -32.97 10.69 16.05
N GLY D 291 -32.32 10.33 14.96
CA GLY D 291 -32.78 9.23 14.12
C GLY D 291 -32.53 7.88 14.77
N LEU D 292 -31.48 7.78 15.58
CA LEU D 292 -31.17 6.54 16.28
C LEU D 292 -32.24 6.23 17.32
N GLU D 293 -32.76 7.28 17.97
CA GLU D 293 -33.88 7.12 18.90
C GLU D 293 -35.11 6.59 18.16
N TYR D 294 -35.28 7.06 16.93
CA TYR D 294 -36.37 6.60 16.09
C TYR D 294 -36.21 5.11 15.76
N GLN D 295 -34.99 4.70 15.48
CA GLN D 295 -34.68 3.28 15.24
C GLN D 295 -35.02 2.45 16.47
N MET D 296 -34.55 2.91 17.63
CA MET D 296 -34.72 2.16 18.87
C MET D 296 -36.18 2.11 19.33
N SER D 297 -36.85 3.25 19.28
CA SER D 297 -38.25 3.33 19.71
C SER D 297 -39.17 2.73 18.64
N GLY D 298 -38.75 2.84 17.38
CA GLY D 298 -39.53 2.32 16.27
C GLY D 298 -39.46 0.82 16.16
N ALA D 299 -38.28 0.26 16.40
CA ALA D 299 -38.11 -1.19 16.40
C ALA D 299 -38.96 -1.81 17.50
N GLU D 300 -38.99 -1.16 18.67
CA GLU D 300 -39.74 -1.68 19.80
C GLU D 300 -41.24 -1.64 19.54
N LEU D 301 -41.70 -0.55 18.93
CA LEU D 301 -43.11 -0.39 18.60
C LEU D 301 -43.55 -1.50 17.63
N TRP D 302 -42.74 -1.75 16.62
CA TRP D 302 -43.04 -2.79 15.64
C TRP D 302 -42.99 -4.18 16.27
N SER D 303 -41.89 -4.46 16.97
CA SER D 303 -41.69 -5.74 17.64
C SER D 303 -42.82 -6.05 18.62
N GLN D 304 -43.44 -4.99 19.12
CA GLN D 304 -44.50 -5.10 20.12
C GLN D 304 -45.82 -5.56 19.49
N THR D 305 -45.96 -5.36 18.19
CA THR D 305 -47.25 -5.56 17.52
C THR D 305 -47.19 -6.49 16.31
N THR D 306 -46.02 -6.65 15.72
CA THR D 306 -45.90 -7.44 14.49
C THR D 306 -46.26 -8.91 14.71
N LEU D 307 -46.89 -9.51 13.70
CA LEU D 307 -47.31 -10.90 13.80
C LEU D 307 -46.13 -11.85 13.66
N ARG D 308 -45.00 -11.31 13.19
CA ARG D 308 -43.77 -12.09 13.05
C ARG D 308 -43.32 -12.66 14.39
N TYR D 309 -43.60 -11.93 15.47
CA TYR D 309 -43.13 -12.32 16.80
C TYR D 309 -44.26 -12.86 17.69
N SER D 310 -45.49 -12.51 17.35
CA SER D 310 -46.64 -12.93 18.17
C SER D 310 -47.21 -14.26 17.70
N VAL D 311 -46.97 -14.60 16.44
CA VAL D 311 -47.43 -15.88 15.90
C VAL D 311 -46.49 -16.38 14.80
P1 POP E . 23.24 28.41 5.92
O1 POP E . 24.49 27.98 5.20
O2 POP E . 22.15 28.81 4.95
O3 POP E . 23.55 29.58 6.81
O POP E . 22.71 27.21 6.85
P2 POP E . 21.27 27.21 7.54
O4 POP E . 21.11 25.97 8.41
O5 POP E . 20.21 27.20 6.47
O6 POP E . 21.13 28.47 8.36
MG MG F . 25.04 31.00 7.06
MG MG G . 22.27 30.19 8.46
MG MG H . 20.23 28.18 4.64
CAJ JF1 I . 27.07 23.73 5.93
CAO JF1 I . 27.18 24.88 6.92
CAD JF1 I . 27.31 26.20 6.15
CAM JF1 I . 28.40 24.71 7.81
CAC JF1 I . 29.69 24.60 6.99
CAF JF1 I . 28.52 25.83 8.85
CAE JF1 I . 27.23 26.00 9.64
CAH JF1 I . 26.04 26.14 8.68
NAN JF1 I . 25.99 24.95 7.81
CAI JF1 I . 24.73 24.98 7.04
CAG JF1 I . 24.62 23.77 6.13
CAL JF1 I . 25.77 23.81 5.14
CAK JF1 I . 25.64 22.69 4.14
CAB JF1 I . 26.44 21.64 4.21
CAA JF1 I . 24.59 22.77 3.08
C1 GOL J . 45.08 34.27 6.06
O1 GOL J . 43.79 33.82 6.43
C2 GOL J . 45.12 34.54 4.56
O2 GOL J . 46.33 35.16 4.22
C3 GOL J . 43.94 35.42 4.17
O3 GOL J . 43.98 35.68 2.78
P1 POP K . 3.44 -13.37 23.92
O1 POP K . 2.71 -14.38 24.78
O2 POP K . 2.85 -13.37 22.53
O3 POP K . 3.30 -11.99 24.49
O POP K . 4.99 -13.78 23.84
P2 POP K . 5.94 -13.82 25.14
O4 POP K . 5.57 -15.04 25.93
O5 POP K . 7.39 -13.89 24.72
O6 POP K . 5.68 -12.60 25.99
MG MG L . 1.98 -10.35 23.97
MG MG M . 4.26 -11.22 26.15
MG MG N . 3.61 -15.80 26.07
CAJ JF1 O . 5.46 -14.01 18.23
CAO JF1 O . 5.36 -12.62 18.86
CAD JF1 O . 3.94 -12.38 19.35
CAM JF1 O . 5.74 -11.56 17.83
CAC JF1 O . 4.80 -11.61 16.63
CAF JF1 O . 5.78 -10.15 18.43
CAE JF1 O . 6.55 -10.09 19.74
CAH JF1 O . 6.10 -11.19 20.69
NAN JF1 O . 6.29 -12.50 20.01
CAI JF1 O . 6.06 -13.57 21.00
CAG JF1 O . 6.24 -14.94 20.37
CAL JF1 O . 5.23 -15.12 19.24
CAK JF1 O . 5.42 -16.47 18.61
CAB JF1 O . 5.94 -16.59 17.41
CAA JF1 O . 4.99 -17.70 19.36
P1 POP P . -5.21 -9.17 -29.59
O1 POP P . -5.79 -10.57 -29.67
O2 POP P . -5.23 -8.51 -30.95
O3 POP P . -6.07 -8.34 -28.67
O POP P . -3.70 -9.27 -29.06
P2 POP P . -3.32 -9.41 -27.50
O4 POP P . -3.06 -10.87 -27.24
O5 POP P . -2.08 -8.62 -27.19
O6 POP P . -4.48 -8.98 -26.63
MG MG Q . -7.94 -7.36 -29.21
MG MG R . -6.38 -8.39 -26.71
MG MG S . -4.32 -12.17 -28.82
CAJ JF1 T . -1.69 -5.68 -33.14
CAO JF1 T . -2.72 -5.12 -32.16
CAD JF1 T . -4.10 -5.65 -32.50
CAM JF1 T . -2.73 -3.60 -32.25
CAC JF1 T . -3.12 -3.12 -33.64
CAF JF1 T . -3.64 -2.97 -31.20
CAE JF1 T . -3.37 -3.52 -29.81
CAH JF1 T . -3.40 -5.05 -29.83
NAN JF1 T . -2.38 -5.52 -30.78
CAI JF1 T . -2.26 -6.98 -30.64
CAG JF1 T . -1.21 -7.54 -31.58
CAL JF1 T . -1.57 -7.19 -33.02
CAK JF1 T . -0.50 -7.72 -33.94
CAB JF1 T . 0.15 -6.90 -34.73
CAA JF1 T . -0.18 -9.18 -33.94
C1 GOL U . -16.80 6.59 -41.26
O1 GOL U . -15.98 5.92 -40.33
C2 GOL U . -17.49 5.59 -42.18
O2 GOL U . -17.85 4.43 -41.44
C3 GOL U . -18.72 6.19 -42.83
O3 GOL U . -19.71 6.55 -41.87
C1 GOL V . -3.66 17.83 -18.38
O1 GOL V . -4.07 18.89 -17.50
C2 GOL V . -2.82 18.46 -19.48
O2 GOL V . -3.57 19.34 -20.27
C3 GOL V . -2.15 17.46 -20.38
O3 GOL V . -1.08 16.88 -19.65
P1 POP W . -32.70 -11.28 14.08
O1 POP W . -32.24 -11.86 15.39
O2 POP W . -31.79 -10.16 13.67
O3 POP W . -32.64 -12.36 13.01
O POP W . -34.20 -10.72 14.27
P2 POP W . -35.56 -11.46 13.81
O4 POP W . -35.27 -12.79 13.16
O5 POP W . -36.37 -10.59 12.87
O6 POP W . -36.40 -11.68 15.05
MG MG X . -30.73 -13.12 12.07
MG MG Y . -33.75 -13.93 12.51
MG MG Z . -34.46 -11.78 16.64
CAJ JF1 AA . -32.63 -5.57 11.97
CAO JF1 AA . -32.41 -6.80 11.09
CAD JF1 AA . -31.24 -7.62 11.65
CAM JF1 AA . -32.08 -6.37 9.67
CAC JF1 AA . -30.83 -5.50 9.63
CAF JF1 AA . -31.95 -7.56 8.72
CAE JF1 AA . -33.13 -8.52 8.84
CAH JF1 AA . -33.36 -8.88 10.29
NAN JF1 AA . -33.62 -7.66 11.07
CAI JF1 AA . -34.05 -8.03 12.43
CAG JF1 AA . -34.33 -6.80 13.27
CAL JF1 AA . -33.06 -5.98 13.38
CAK JF1 AA . -33.29 -4.76 14.24
CAB JF1 AA . -33.33 -3.56 13.71
CAA JF1 AA . -33.50 -4.92 15.71
#